data_6AJJ
#
_entry.id   6AJJ
#
_cell.length_a   87.386
_cell.length_b   139.731
_cell.length_c   140.713
_cell.angle_alpha   90.000
_cell.angle_beta   90.000
_cell.angle_gamma   90.000
#
_symmetry.space_group_name_H-M   'P 21 21 21'
#
loop_
_entity.id
_entity.type
_entity.pdbx_description
1 polymer 'Drug exporters of the RND superfamily-like protein,Endolysin'
2 non-polymer '(CARBAMOYLMETHYL-CARBOXYMETHYL-AMINO)-ACETIC ACID'
3 non-polymer 'alpha-D-glucopyranosyl 6-O-dodecyl-alpha-D-glucopyranoside'
4 non-polymer 4,6-difluoro-N-(spiro[5.5]undecan-3-yl)-1H-indole-2-carboxamide
#
_entity_poly.entity_id   1
_entity_poly.type   'polypeptide(L)'
_entity_poly.pdbx_seq_one_letter_code
;MPEVVGSYFQSNAMFAWWGRTVYQFRYIVIGVMVALCLGGGVYGISLGNHVTQSGFYDEGSQSVAASLIGDEVYGRDRTS
HVVAILTPPDDKKVTDKAWQKKVTEELDQVVKDHEDQIVGWVGWLKAPDTTDPTVSAMKTQDLRHTFISIPLQGDDDDEI
LKNYQVVEPELQQVNGGDIRLAGLNPLASELTGTIGEDQKRAEVAAIPLVAVVLFFVFGTVIAAALPAIIGGLAIAGALG
IMRLVAEFTPVHFFAQPVVTLIGLGIAIDYGLFIVSRFREEIAEGYDTEAAVRRTVMTSGRTVVFSAVIIVASSVPLLLF
PQGFLKSITYAIIASVMLAAILSITVLAAALAILGPRVDALGVTTLLKIPFLANWQFSRRIIDWFAEKTQKTKTREEVER
GFWGRLVNVVMKRPIAFAAPILVVMVLLIIPLGQLSLGGISEKYLPPDNAVRQSQEQFDKLFPGFRTEPLTLVMKREDGE
PITDAQIADMRAKALTVSGFTDPDNDPEKMWKERPANDSGSKDPSVRVIQNGLENRNDAAKKIDELRALQPPHGIEVFVG
GTPALEQDSIHSLFDKLPLMALILIVTTTVLMFLAFGSVVLPIKAALMSALTLGSTMGILTWMFVDGHGSGLMNYTPQPL
MAPMIGLIIAVIWGLSTDYEVFLVSRMVEARERGMSTAEAIRIGTATTGRLITGAALILAVVAGAFVFSDLVMMKYLAFG
LLIALLLDATIIRMFLVPAVMKLLGDDCWWAPRWMKRVQEKEFNIFEMLRIDEGLRLKIYKDTEGYYTIGIGHLLTKSPS
LNAAKSELDKAIGRNTNGVITKDEAEKLFNQDVDAAVRGILRNAKLKPVYDSLDAVRRAALINMVFQMGETGVAGFTNSL
RMLQQKRWDEAAVNLAKSRWYNQTPNRAKRVITTFRTGTWDAYEFHLGGIKAFHHHHHHHHHH
;
_entity_poly.pdbx_strand_id   A
#
loop_
_chem_comp.id
_chem_comp.type
_chem_comp.name
_chem_comp.formula
J9E non-polymer 4,6-difluoro-N-(spiro[5.5]undecan-3-yl)-1H-indole-2-carboxamide 'C20 H24 F2 N2 O'
L6T saccharide 'alpha-D-glucopyranosyl 6-O-dodecyl-alpha-D-glucopyranoside' 'C24 H46 O11'
MHA non-polymer '(CARBAMOYLMETHYL-CARBOXYMETHYL-AMINO)-ACETIC ACID' 'C6 H10 N2 O5'
#
# COMPACT_ATOMS: atom_id res chain seq x y z
N PHE A 9 -1.09 4.08 -25.84
CA PHE A 9 -1.24 3.29 -24.62
C PHE A 9 -2.45 2.37 -24.78
N GLN A 10 -2.63 1.50 -23.79
CA GLN A 10 -3.63 0.44 -23.89
C GLN A 10 -4.76 0.66 -22.90
N SER A 11 -5.41 1.81 -22.95
CA SER A 11 -6.65 2.00 -22.20
C SER A 11 -7.73 1.00 -22.68
N ASN A 12 -8.25 0.21 -21.72
CA ASN A 12 -9.54 -0.50 -21.76
C ASN A 12 -9.59 -1.71 -22.71
N ALA A 13 -8.44 -2.21 -23.15
CA ALA A 13 -8.50 -3.36 -24.07
C ALA A 13 -8.66 -4.68 -23.31
N MET A 14 -7.80 -4.92 -22.33
CA MET A 14 -7.82 -6.12 -21.50
C MET A 14 -8.89 -6.04 -20.41
N PHE A 15 -9.18 -4.84 -19.89
CA PHE A 15 -10.18 -4.72 -18.83
C PHE A 15 -11.58 -5.02 -19.36
N ALA A 16 -11.87 -4.70 -20.62
CA ALA A 16 -13.16 -5.06 -21.17
C ALA A 16 -13.33 -6.57 -21.24
N TRP A 17 -12.29 -7.27 -21.70
CA TRP A 17 -12.34 -8.72 -21.75
C TRP A 17 -12.55 -9.31 -20.36
N TRP A 18 -11.79 -8.80 -19.38
CA TRP A 18 -11.94 -9.31 -18.01
C TRP A 18 -13.31 -8.97 -17.43
N GLY A 19 -13.90 -7.84 -17.83
CA GLY A 19 -15.22 -7.51 -17.36
C GLY A 19 -16.28 -8.43 -17.91
N ARG A 20 -16.13 -8.85 -19.16
CA ARG A 20 -17.01 -9.90 -19.65
C ARG A 20 -16.76 -11.20 -18.91
N THR A 21 -15.49 -11.52 -18.65
CA THR A 21 -15.14 -12.85 -18.15
C THR A 21 -15.59 -13.08 -16.71
N VAL A 22 -15.46 -12.07 -15.83
CA VAL A 22 -15.91 -12.27 -14.44
C VAL A 22 -17.40 -12.50 -14.36
N TYR A 23 -18.18 -11.79 -15.18
CA TYR A 23 -19.60 -12.11 -15.20
C TYR A 23 -19.82 -13.51 -15.73
N GLN A 24 -19.04 -13.90 -16.75
CA GLN A 24 -19.26 -15.20 -17.36
C GLN A 24 -18.96 -16.34 -16.39
N PHE A 25 -18.01 -16.17 -15.49
CA PHE A 25 -17.58 -17.24 -14.58
C PHE A 25 -17.56 -16.76 -13.13
N ARG A 26 -18.58 -16.01 -12.71
CA ARG A 26 -18.55 -15.41 -11.38
C ARG A 26 -18.43 -16.47 -10.29
N TYR A 27 -19.05 -17.63 -10.49
CA TYR A 27 -19.09 -18.63 -9.43
C TYR A 27 -17.73 -19.26 -9.18
N ILE A 28 -17.05 -19.70 -10.24
CA ILE A 28 -15.77 -20.37 -9.99
C ILE A 28 -14.71 -19.34 -9.59
N VAL A 29 -14.82 -18.11 -10.05
CA VAL A 29 -13.89 -17.08 -9.56
C VAL A 29 -14.09 -16.86 -8.07
N ILE A 30 -15.35 -16.67 -7.65
CA ILE A 30 -15.62 -16.44 -6.23
C ILE A 30 -15.32 -17.67 -5.39
N GLY A 31 -15.32 -18.85 -5.98
CA GLY A 31 -14.93 -20.05 -5.24
C GLY A 31 -13.43 -20.21 -5.14
N VAL A 32 -12.74 -20.12 -6.28
CA VAL A 32 -11.31 -20.35 -6.34
C VAL A 32 -10.56 -19.30 -5.53
N MET A 33 -10.90 -18.03 -5.71
CA MET A 33 -10.15 -16.98 -5.01
C MET A 33 -10.46 -16.96 -3.53
N VAL A 34 -11.69 -17.28 -3.13
CA VAL A 34 -11.96 -17.38 -1.70
C VAL A 34 -11.21 -18.58 -1.11
N ALA A 35 -11.18 -19.70 -1.82
CA ALA A 35 -10.39 -20.84 -1.37
C ALA A 35 -8.92 -20.44 -1.21
N LEU A 36 -8.36 -19.77 -2.22
CA LEU A 36 -6.97 -19.34 -2.16
C LEU A 36 -6.72 -18.43 -0.96
N CYS A 37 -7.59 -17.43 -0.75
CA CYS A 37 -7.37 -16.49 0.34
C CYS A 37 -7.49 -17.17 1.70
N LEU A 38 -8.48 -18.04 1.88
CA LEU A 38 -8.65 -18.69 3.17
C LEU A 38 -7.56 -19.72 3.44
N GLY A 39 -7.16 -20.47 2.41
CA GLY A 39 -6.03 -21.35 2.55
C GLY A 39 -4.76 -20.60 2.88
N GLY A 40 -4.54 -19.47 2.21
CA GLY A 40 -3.39 -18.64 2.51
C GLY A 40 -3.43 -18.11 3.93
N GLY A 41 -4.62 -17.72 4.41
CA GLY A 41 -4.74 -17.27 5.79
C GLY A 41 -4.38 -18.35 6.79
N VAL A 42 -4.90 -19.56 6.57
CA VAL A 42 -4.54 -20.68 7.43
C VAL A 42 -3.04 -20.95 7.39
N TYR A 43 -2.46 -20.95 6.19
CA TYR A 43 -1.02 -21.14 6.04
C TYR A 43 -0.23 -20.02 6.72
N GLY A 44 -0.77 -18.80 6.75
CA GLY A 44 -0.06 -17.65 7.27
C GLY A 44 -0.27 -17.37 8.73
N ILE A 45 -1.16 -18.12 9.39
CA ILE A 45 -1.19 -18.09 10.85
C ILE A 45 0.17 -18.47 11.43
N SER A 46 0.88 -19.39 10.78
CA SER A 46 2.19 -19.81 11.26
C SER A 46 3.24 -18.69 11.15
N LEU A 47 2.98 -17.65 10.35
CA LEU A 47 3.87 -16.51 10.34
C LEU A 47 3.85 -15.85 11.69
N GLY A 48 5.02 -15.63 12.27
CA GLY A 48 5.09 -15.19 13.65
C GLY A 48 5.99 -16.12 14.42
N ASN A 49 6.07 -17.36 13.94
CA ASN A 49 7.13 -18.29 14.34
C ASN A 49 8.24 -18.38 13.30
N HIS A 50 8.07 -17.73 12.15
CA HIS A 50 9.10 -17.72 11.11
C HIS A 50 9.53 -16.31 10.75
N VAL A 51 9.36 -15.37 11.67
CA VAL A 51 9.77 -14.00 11.48
C VAL A 51 11.03 -13.74 12.31
N THR A 52 11.80 -12.77 11.89
CA THR A 52 13.07 -12.48 12.53
C THR A 52 13.05 -11.10 13.17
N GLN A 53 13.90 -10.92 14.19
CA GLN A 53 14.10 -9.62 14.79
C GLN A 53 15.31 -8.90 14.20
N SER A 54 16.11 -9.59 13.40
CA SER A 54 17.30 -9.01 12.78
C SER A 54 16.95 -8.25 11.51
N GLY A 55 17.75 -7.23 11.20
CA GLY A 55 17.57 -6.48 9.98
C GLY A 55 17.81 -4.99 10.10
N PHE A 56 18.48 -4.54 11.16
CA PHE A 56 18.64 -3.11 11.38
C PHE A 56 20.01 -2.59 10.95
N TYR A 57 20.89 -3.48 10.50
CA TYR A 57 22.27 -3.19 10.19
C TYR A 57 22.51 -3.31 8.69
N ASP A 58 23.71 -2.95 8.27
CA ASP A 58 24.14 -3.08 6.88
C ASP A 58 25.05 -4.31 6.80
N GLU A 59 24.51 -5.42 6.29
CA GLU A 59 25.24 -6.68 6.34
C GLU A 59 26.46 -6.69 5.43
N GLY A 60 26.57 -5.75 4.49
CA GLY A 60 27.80 -5.56 3.77
C GLY A 60 28.82 -4.67 4.41
N SER A 61 28.52 -4.09 5.57
CA SER A 61 29.39 -3.11 6.20
C SER A 61 30.58 -3.79 6.88
N GLN A 62 31.56 -2.98 7.27
CA GLN A 62 32.73 -3.53 7.94
C GLN A 62 32.46 -3.90 9.39
N SER A 63 31.55 -3.19 10.06
CA SER A 63 31.21 -3.55 11.42
C SER A 63 30.60 -4.96 11.48
N VAL A 64 29.74 -5.29 10.53
CA VAL A 64 29.13 -6.61 10.50
C VAL A 64 30.18 -7.69 10.27
N ALA A 65 31.17 -7.41 9.41
CA ALA A 65 32.24 -8.38 9.24
C ALA A 65 33.02 -8.56 10.53
N ALA A 66 33.29 -7.46 11.23
CA ALA A 66 34.01 -7.56 12.49
C ALA A 66 33.23 -8.41 13.49
N SER A 67 31.91 -8.23 13.52
CA SER A 67 31.06 -9.04 14.39
C SER A 67 31.14 -10.52 14.02
N LEU A 68 30.99 -10.86 12.73
CA LEU A 68 31.06 -12.26 12.30
C LEU A 68 32.40 -12.89 12.65
N ILE A 69 33.50 -12.21 12.36
CA ILE A 69 34.80 -12.80 12.64
C ILE A 69 35.00 -12.96 14.14
N GLY A 70 34.64 -11.93 14.92
CA GLY A 70 34.86 -12.01 16.35
C GLY A 70 33.99 -13.04 17.04
N ASP A 71 32.75 -13.20 16.58
CA ASP A 71 31.90 -14.24 17.13
C ASP A 71 32.42 -15.62 16.76
N GLU A 72 32.86 -15.80 15.50
CA GLU A 72 33.40 -17.09 15.10
C GLU A 72 34.58 -17.47 15.97
N VAL A 73 35.47 -16.52 16.26
CA VAL A 73 36.76 -16.86 16.84
C VAL A 73 36.73 -16.80 18.36
N TYR A 74 36.13 -15.77 18.95
CA TYR A 74 36.10 -15.64 20.39
C TYR A 74 34.83 -16.20 21.01
N GLY A 75 33.81 -16.50 20.20
CA GLY A 75 32.51 -16.87 20.71
C GLY A 75 31.65 -15.63 20.86
N ARG A 76 30.37 -15.71 20.50
CA ARG A 76 29.49 -14.57 20.73
C ARG A 76 29.41 -14.24 22.21
N ASP A 77 29.34 -12.94 22.50
CA ASP A 77 29.13 -12.46 23.86
C ASP A 77 27.71 -12.79 24.27
N ARG A 78 27.56 -13.71 25.23
CA ARG A 78 26.25 -14.01 25.80
C ARG A 78 26.10 -13.51 27.23
N THR A 79 26.87 -12.51 27.62
CA THR A 79 26.84 -12.03 28.99
C THR A 79 25.69 -11.09 29.28
N SER A 80 25.08 -10.51 28.23
CA SER A 80 23.97 -9.58 28.35
C SER A 80 22.66 -10.20 27.90
N HIS A 81 22.64 -11.52 27.71
CA HIS A 81 21.43 -12.19 27.27
C HIS A 81 20.30 -11.95 28.26
N VAL A 82 20.61 -12.13 29.55
CA VAL A 82 19.65 -12.07 30.65
C VAL A 82 20.40 -11.66 31.91
N VAL A 83 20.10 -10.48 32.43
CA VAL A 83 20.51 -10.13 33.79
C VAL A 83 19.31 -10.29 34.71
N ALA A 84 19.57 -10.76 35.93
CA ALA A 84 18.49 -11.02 36.88
C ALA A 84 18.88 -10.42 38.22
N ILE A 85 18.12 -9.42 38.65
CA ILE A 85 18.31 -8.82 39.97
C ILE A 85 17.51 -9.61 40.99
N LEU A 86 18.17 -10.05 42.05
CA LEU A 86 17.53 -10.76 43.14
C LEU A 86 17.64 -9.91 44.40
N THR A 87 16.52 -9.77 45.09
CA THR A 87 16.45 -9.06 46.36
C THR A 87 15.99 -10.05 47.42
N PRO A 88 16.77 -10.34 48.45
CA PRO A 88 16.30 -11.26 49.51
C PRO A 88 15.09 -10.69 50.22
N PRO A 89 14.11 -11.54 50.54
CA PRO A 89 12.83 -11.05 51.06
C PRO A 89 12.90 -10.70 52.54
N ASP A 90 11.79 -10.15 53.03
CA ASP A 90 11.61 -9.84 54.46
C ASP A 90 12.77 -9.02 55.02
N ASP A 91 13.34 -8.13 54.21
CA ASP A 91 14.51 -7.37 54.60
C ASP A 91 15.60 -8.32 55.12
N LYS A 92 15.90 -9.32 54.31
CA LYS A 92 17.13 -10.07 54.47
C LYS A 92 18.11 -9.62 53.39
N LYS A 93 19.40 -9.74 53.70
CA LYS A 93 20.50 -9.20 52.90
C LYS A 93 21.33 -10.30 52.25
N VAL A 94 21.95 -9.96 51.12
CA VAL A 94 22.49 -10.98 50.21
C VAL A 94 23.49 -11.91 50.90
N THR A 95 24.10 -11.50 52.01
CA THR A 95 25.07 -12.34 52.69
C THR A 95 24.42 -13.37 53.61
N ASP A 96 23.08 -13.45 53.65
CA ASP A 96 22.39 -14.49 54.39
C ASP A 96 22.62 -15.82 53.69
N LYS A 97 23.43 -16.69 54.30
CA LYS A 97 23.89 -17.89 53.61
C LYS A 97 22.78 -18.91 53.39
N ALA A 98 21.73 -18.90 54.20
CA ALA A 98 20.61 -19.82 53.96
C ALA A 98 19.81 -19.42 52.73
N TRP A 99 19.47 -18.13 52.63
CA TRP A 99 18.85 -17.61 51.41
C TRP A 99 19.74 -17.86 50.20
N GLN A 100 21.04 -17.65 50.36
CA GLN A 100 21.99 -18.00 49.32
C GLN A 100 21.81 -19.44 48.87
N LYS A 101 21.81 -20.37 49.82
CA LYS A 101 21.70 -21.79 49.47
C LYS A 101 20.42 -22.08 48.70
N LYS A 102 19.29 -21.54 49.16
CA LYS A 102 18.04 -21.91 48.51
C LYS A 102 17.94 -21.33 47.10
N VAL A 103 18.44 -20.11 46.88
CA VAL A 103 18.35 -19.59 45.52
C VAL A 103 19.37 -20.26 44.61
N THR A 104 20.55 -20.65 45.13
CA THR A 104 21.45 -21.46 44.32
C THR A 104 20.75 -22.73 43.86
N GLU A 105 20.11 -23.45 44.79
CA GLU A 105 19.47 -24.70 44.41
C GLU A 105 18.38 -24.47 43.37
N GLU A 106 17.60 -23.40 43.52
CA GLU A 106 16.55 -23.12 42.54
C GLU A 106 17.14 -22.83 41.16
N LEU A 107 18.16 -21.97 41.11
CA LEU A 107 18.77 -21.63 39.83
C LEU A 107 19.39 -22.86 39.18
N ASP A 108 20.11 -23.66 39.97
CA ASP A 108 20.70 -24.89 39.44
C ASP A 108 19.64 -25.83 38.91
N GLN A 109 18.48 -25.87 39.56
CA GLN A 109 17.40 -26.74 39.10
C GLN A 109 16.87 -26.27 37.74
N VAL A 110 16.61 -24.96 37.59
CA VAL A 110 16.08 -24.52 36.31
C VAL A 110 17.13 -24.70 35.21
N VAL A 111 18.41 -24.50 35.53
CA VAL A 111 19.45 -24.71 34.54
C VAL A 111 19.51 -26.19 34.15
N LYS A 112 19.51 -27.08 35.15
CA LYS A 112 19.54 -28.50 34.89
C LYS A 112 18.35 -28.95 34.05
N ASP A 113 17.19 -28.34 34.25
CA ASP A 113 16.00 -28.68 33.48
C ASP A 113 16.02 -28.08 32.09
N HIS A 114 16.83 -27.04 31.84
CA HIS A 114 16.82 -26.36 30.54
C HIS A 114 18.25 -26.17 30.02
N GLU A 115 18.95 -27.28 29.82
CA GLU A 115 20.31 -27.18 29.28
C GLU A 115 20.32 -27.04 27.77
N ASP A 116 19.21 -27.39 27.11
CA ASP A 116 19.08 -27.05 25.69
C ASP A 116 18.88 -25.55 25.49
N GLN A 117 18.55 -24.80 26.55
CA GLN A 117 18.24 -23.39 26.46
C GLN A 117 19.22 -22.51 27.21
N ILE A 118 19.67 -22.92 28.39
CA ILE A 118 20.51 -22.09 29.24
C ILE A 118 21.91 -22.68 29.23
N VAL A 119 22.90 -21.86 28.85
CA VAL A 119 24.31 -22.26 28.97
C VAL A 119 24.67 -22.46 30.44
N GLY A 120 24.15 -21.60 31.31
CA GLY A 120 24.47 -21.63 32.72
C GLY A 120 24.10 -20.29 33.34
N TRP A 121 24.33 -20.19 34.65
CA TRP A 121 24.10 -18.93 35.34
C TRP A 121 25.37 -18.51 36.06
N VAL A 122 25.69 -17.23 35.95
CA VAL A 122 26.98 -16.68 36.36
C VAL A 122 26.70 -15.49 37.26
N GLY A 123 27.48 -15.37 38.33
CA GLY A 123 27.39 -14.17 39.14
C GLY A 123 28.14 -14.32 40.45
N TRP A 124 28.14 -13.23 41.22
CA TRP A 124 28.79 -13.23 42.52
C TRP A 124 28.19 -14.27 43.45
N LEU A 125 26.90 -14.53 43.30
CA LEU A 125 26.23 -15.49 44.17
C LEU A 125 26.81 -16.89 44.04
N LYS A 126 27.44 -17.19 42.90
CA LYS A 126 28.10 -18.48 42.68
C LYS A 126 29.42 -18.61 43.44
N ALA A 127 30.02 -17.50 43.85
CA ALA A 127 31.23 -17.51 44.67
C ALA A 127 31.20 -16.30 45.58
N PRO A 128 30.37 -16.33 46.63
CA PRO A 128 30.21 -15.14 47.46
C PRO A 128 31.46 -14.76 48.23
N ASP A 129 32.40 -15.68 48.43
CA ASP A 129 33.64 -15.38 49.12
C ASP A 129 34.76 -14.94 48.17
N THR A 130 34.45 -14.75 46.89
CA THR A 130 35.48 -14.41 45.92
C THR A 130 36.08 -13.04 46.21
N THR A 131 37.32 -12.87 45.77
CA THR A 131 38.03 -11.60 45.91
C THR A 131 38.06 -10.82 44.61
N ASP A 132 37.53 -11.38 43.52
CA ASP A 132 37.46 -10.69 42.24
C ASP A 132 36.70 -9.38 42.39
N PRO A 133 37.31 -8.24 42.05
CA PRO A 133 36.59 -6.96 42.25
C PRO A 133 35.41 -6.78 41.33
N THR A 134 35.52 -7.12 40.04
CA THR A 134 34.37 -7.01 39.16
C THR A 134 33.23 -7.90 39.62
N VAL A 135 33.55 -9.14 40.01
CA VAL A 135 32.51 -10.03 40.55
C VAL A 135 31.96 -9.49 41.86
N SER A 136 32.81 -8.86 42.67
CA SER A 136 32.34 -8.27 43.91
C SER A 136 31.38 -7.10 43.65
N ALA A 137 31.53 -6.44 42.51
CA ALA A 137 30.62 -5.35 42.15
C ALA A 137 29.26 -5.83 41.70
N MET A 138 28.99 -7.14 41.75
CA MET A 138 27.71 -7.71 41.37
C MET A 138 26.73 -7.73 42.53
N LYS A 139 27.07 -7.08 43.64
CA LYS A 139 26.16 -6.82 44.74
C LYS A 139 26.22 -5.33 45.05
N THR A 140 25.14 -4.82 45.65
CA THR A 140 25.10 -3.43 46.02
C THR A 140 25.82 -3.22 47.35
N GLN A 141 26.10 -1.95 47.66
CA GLN A 141 26.76 -1.63 48.92
C GLN A 141 25.87 -1.91 50.12
N ASP A 142 24.55 -1.77 49.97
CA ASP A 142 23.63 -2.08 51.06
C ASP A 142 23.38 -3.58 51.22
N LEU A 143 23.99 -4.41 50.37
CA LEU A 143 23.85 -5.88 50.42
C LEU A 143 22.41 -6.33 50.26
N ARG A 144 21.55 -5.55 49.62
CA ARG A 144 20.14 -5.89 49.51
C ARG A 144 19.71 -6.31 48.11
N HIS A 145 20.58 -6.17 47.11
CA HIS A 145 20.31 -6.63 45.75
C HIS A 145 21.59 -7.22 45.17
N THR A 146 21.45 -8.31 44.43
CA THR A 146 22.58 -8.86 43.70
C THR A 146 22.09 -9.44 42.37
N PHE A 147 22.79 -9.12 41.30
CA PHE A 147 22.37 -9.60 39.99
C PHE A 147 23.25 -10.74 39.52
N ILE A 148 22.68 -11.57 38.66
CA ILE A 148 23.37 -12.68 38.02
C ILE A 148 23.16 -12.57 36.52
N SER A 149 24.10 -13.14 35.77
CA SER A 149 24.01 -13.24 34.33
C SER A 149 23.68 -14.67 33.94
N ILE A 150 22.72 -14.85 33.03
CA ILE A 150 22.27 -16.16 32.60
C ILE A 150 22.40 -16.28 31.09
N PRO A 151 23.57 -16.65 30.56
CA PRO A 151 23.70 -16.85 29.11
C PRO A 151 22.86 -18.02 28.61
N LEU A 152 22.28 -17.82 27.42
CA LEU A 152 21.39 -18.77 26.76
C LEU A 152 22.04 -19.40 25.53
N GLN A 153 21.54 -20.58 25.16
CA GLN A 153 21.98 -21.29 23.97
C GLN A 153 21.38 -20.66 22.70
N GLY A 154 21.95 -21.03 21.56
CA GLY A 154 21.44 -20.60 20.28
C GLY A 154 22.51 -19.90 19.47
N ASP A 155 22.33 -19.83 18.14
CA ASP A 155 23.34 -19.24 17.27
C ASP A 155 22.78 -18.17 16.35
N ASP A 156 21.54 -17.74 16.56
CA ASP A 156 21.04 -16.49 15.99
C ASP A 156 20.17 -15.84 17.05
N ASP A 157 19.82 -14.57 16.81
CA ASP A 157 19.00 -13.82 17.76
C ASP A 157 17.67 -14.50 18.02
N ASP A 158 17.04 -15.04 16.98
CA ASP A 158 15.68 -15.56 17.11
C ASP A 158 15.65 -16.84 17.93
N GLU A 159 16.64 -17.72 17.72
CA GLU A 159 16.69 -18.95 18.50
C GLU A 159 16.95 -18.65 19.97
N ILE A 160 17.84 -17.70 20.23
CA ILE A 160 18.11 -17.29 21.60
C ILE A 160 16.86 -16.73 22.26
N LEU A 161 16.12 -15.87 21.55
CA LEU A 161 14.92 -15.29 22.11
C LEU A 161 13.90 -16.38 22.44
N LYS A 162 13.70 -17.32 21.52
CA LYS A 162 12.76 -18.41 21.78
C LYS A 162 13.20 -19.25 22.98
N ASN A 163 14.51 -19.45 23.16
CA ASN A 163 14.96 -20.16 24.35
C ASN A 163 14.66 -19.37 25.60
N TYR A 164 14.85 -18.04 25.54
CA TYR A 164 14.54 -17.22 26.69
C TYR A 164 13.07 -17.32 27.04
N GLN A 165 12.20 -17.28 26.03
CA GLN A 165 10.76 -17.31 26.33
C GLN A 165 10.34 -18.68 26.82
N VAL A 166 11.07 -19.73 26.43
CA VAL A 166 10.82 -21.04 27.01
C VAL A 166 11.15 -21.04 28.50
N VAL A 167 12.31 -20.51 28.87
CA VAL A 167 12.72 -20.63 30.27
C VAL A 167 12.22 -19.50 31.17
N GLU A 168 11.66 -18.43 30.60
CA GLU A 168 11.26 -17.29 31.41
C GLU A 168 10.15 -17.60 32.41
N PRO A 169 9.10 -18.38 32.07
CA PRO A 169 8.08 -18.68 33.10
C PRO A 169 8.65 -19.31 34.35
N GLU A 170 9.55 -20.28 34.21
CA GLU A 170 10.13 -20.92 35.38
C GLU A 170 11.18 -20.04 36.03
N LEU A 171 11.82 -19.17 35.24
CA LEU A 171 12.83 -18.27 35.78
C LEU A 171 12.22 -17.15 36.61
N GLN A 172 10.98 -16.73 36.30
CA GLN A 172 10.35 -15.68 37.09
C GLN A 172 9.92 -16.19 38.47
N GLN A 173 9.75 -17.49 38.64
CA GLN A 173 9.31 -18.04 39.92
C GLN A 173 10.44 -18.26 40.91
N VAL A 174 11.68 -17.98 40.50
CA VAL A 174 12.81 -18.10 41.43
C VAL A 174 12.70 -17.02 42.50
N ASN A 175 13.23 -17.33 43.70
CA ASN A 175 13.21 -16.44 44.86
C ASN A 175 11.78 -15.99 45.20
N GLY A 176 10.83 -16.92 45.08
CA GLY A 176 9.43 -16.58 45.31
C GLY A 176 8.87 -15.51 44.38
N GLY A 177 9.48 -15.33 43.21
CA GLY A 177 9.06 -14.30 42.29
C GLY A 177 9.77 -12.97 42.47
N ASP A 178 10.47 -12.77 43.59
CA ASP A 178 11.26 -11.55 43.82
C ASP A 178 12.55 -11.60 43.00
N ILE A 179 12.38 -11.68 41.70
CA ILE A 179 13.48 -11.65 40.74
C ILE A 179 13.05 -10.75 39.59
N ARG A 180 13.95 -9.88 39.14
CA ARG A 180 13.65 -8.92 38.08
C ARG A 180 14.56 -9.15 36.88
N LEU A 181 13.95 -9.44 35.73
CA LEU A 181 14.68 -9.83 34.53
C LEU A 181 14.89 -8.63 33.61
N ALA A 182 16.11 -8.48 33.12
CA ALA A 182 16.46 -7.41 32.18
C ALA A 182 17.52 -7.97 31.23
N GLY A 183 18.09 -7.08 30.43
CA GLY A 183 19.02 -7.49 29.40
C GLY A 183 18.36 -7.63 28.05
N LEU A 184 19.15 -8.11 27.09
CA LEU A 184 18.71 -8.07 25.69
C LEU A 184 17.49 -8.94 25.44
N ASN A 185 17.42 -10.09 26.07
CA ASN A 185 16.32 -10.98 25.68
C ASN A 185 14.98 -10.61 26.31
N PRO A 186 14.91 -10.21 27.58
CA PRO A 186 13.61 -9.71 28.08
C PRO A 186 13.13 -8.49 27.32
N LEU A 187 14.05 -7.57 27.01
CA LEU A 187 13.68 -6.42 26.22
C LEU A 187 13.21 -6.82 24.82
N ALA A 188 13.89 -7.77 24.19
CA ALA A 188 13.47 -8.20 22.85
C ALA A 188 12.13 -8.91 22.89
N SER A 189 11.89 -9.70 23.93
CA SER A 189 10.58 -10.32 24.09
C SER A 189 9.48 -9.25 24.19
N GLU A 190 9.69 -8.24 25.03
CA GLU A 190 8.70 -7.18 25.17
C GLU A 190 8.49 -6.42 23.86
N LEU A 191 9.59 -6.03 23.22
CA LEU A 191 9.51 -5.27 21.98
C LEU A 191 8.81 -6.07 20.87
N THR A 192 9.02 -7.39 20.81
CA THR A 192 8.36 -8.17 19.77
C THR A 192 6.94 -8.54 20.15
N GLY A 193 6.59 -8.55 21.45
CA GLY A 193 5.21 -8.75 21.83
C GLY A 193 4.30 -7.56 21.54
N THR A 194 4.90 -6.36 21.46
CA THR A 194 4.11 -5.20 21.05
C THR A 194 3.35 -5.47 19.75
N ILE A 195 3.93 -6.26 18.85
CA ILE A 195 3.31 -6.54 17.55
C ILE A 195 1.90 -7.11 17.73
N GLY A 196 1.80 -8.23 18.44
CA GLY A 196 0.52 -8.85 18.65
C GLY A 196 -0.43 -7.99 19.46
N GLU A 197 0.10 -7.23 20.42
CA GLU A 197 -0.79 -6.34 21.17
C GLU A 197 -1.42 -5.29 20.26
N ASP A 198 -0.64 -4.74 19.33
CA ASP A 198 -1.19 -3.80 18.36
C ASP A 198 -2.17 -4.49 17.41
N GLN A 199 -1.90 -5.74 17.07
CA GLN A 199 -2.84 -6.50 16.25
C GLN A 199 -4.21 -6.53 16.90
N LYS A 200 -4.27 -6.97 18.17
CA LYS A 200 -5.59 -7.09 18.74
C LYS A 200 -6.22 -5.73 19.01
N ARG A 201 -5.43 -4.70 19.32
CA ARG A 201 -6.05 -3.39 19.45
C ARG A 201 -6.70 -2.95 18.14
N ALA A 202 -6.05 -3.23 17.01
CA ALA A 202 -6.70 -2.97 15.72
C ALA A 202 -7.95 -3.82 15.54
N GLU A 203 -7.90 -5.07 15.98
CA GLU A 203 -9.04 -5.96 15.82
C GLU A 203 -10.26 -5.46 16.59
N VAL A 204 -10.06 -4.99 17.83
CA VAL A 204 -11.20 -4.63 18.66
C VAL A 204 -11.63 -3.16 18.46
N ALA A 205 -10.72 -2.27 18.08
CA ALA A 205 -11.08 -0.86 18.01
C ALA A 205 -11.28 -0.34 16.60
N ALA A 206 -10.69 -0.98 15.58
CA ALA A 206 -10.80 -0.47 14.23
C ALA A 206 -11.86 -1.15 13.39
N ILE A 207 -12.12 -2.45 13.58
CA ILE A 207 -13.12 -3.14 12.77
C ILE A 207 -14.52 -2.55 12.97
N PRO A 208 -15.02 -2.37 14.20
CA PRO A 208 -16.34 -1.71 14.34
C PRO A 208 -16.36 -0.30 13.76
N LEU A 209 -15.29 0.47 13.93
CA LEU A 209 -15.27 1.83 13.41
C LEU A 209 -15.29 1.84 11.89
N VAL A 210 -14.55 0.91 11.28
CA VAL A 210 -14.62 0.76 9.83
C VAL A 210 -16.03 0.36 9.42
N ALA A 211 -16.69 -0.47 10.23
CA ALA A 211 -18.06 -0.86 9.92
C ALA A 211 -19.00 0.34 9.93
N VAL A 212 -18.87 1.21 10.92
CA VAL A 212 -19.76 2.36 10.93
C VAL A 212 -19.43 3.28 9.75
N VAL A 213 -18.15 3.51 9.45
CA VAL A 213 -17.81 4.39 8.33
C VAL A 213 -18.33 3.81 7.02
N LEU A 214 -18.15 2.51 6.81
CA LEU A 214 -18.67 1.84 5.62
C LEU A 214 -20.18 2.01 5.50
N PHE A 215 -20.91 1.73 6.59
CA PHE A 215 -22.36 1.81 6.53
C PHE A 215 -22.83 3.25 6.35
N PHE A 216 -22.08 4.21 6.87
CA PHE A 216 -22.37 5.61 6.62
C PHE A 216 -22.17 5.95 5.14
N VAL A 217 -21.11 5.40 4.53
CA VAL A 217 -20.85 5.70 3.12
C VAL A 217 -21.92 5.09 2.23
N PHE A 218 -22.32 3.85 2.50
CA PHE A 218 -23.25 3.17 1.61
C PHE A 218 -24.72 3.34 1.98
N GLY A 219 -25.08 3.04 3.24
CA GLY A 219 -26.45 3.13 3.68
C GLY A 219 -27.19 1.80 3.74
N THR A 220 -26.67 0.74 3.11
CA THR A 220 -27.28 -0.58 3.17
C THR A 220 -26.25 -1.61 3.63
N VAL A 221 -26.77 -2.75 4.11
CA VAL A 221 -25.93 -3.71 4.81
C VAL A 221 -24.96 -4.40 3.87
N ILE A 222 -25.44 -4.91 2.73
CA ILE A 222 -24.58 -5.71 1.86
C ILE A 222 -23.49 -4.85 1.22
N ALA A 223 -23.87 -3.69 0.70
CA ALA A 223 -22.90 -2.81 0.06
C ALA A 223 -21.80 -2.43 1.04
N ALA A 224 -22.17 -2.14 2.29
CA ALA A 224 -21.18 -1.82 3.30
C ALA A 224 -20.36 -3.04 3.70
N ALA A 225 -20.94 -4.23 3.64
CA ALA A 225 -20.24 -5.43 4.08
C ALA A 225 -19.18 -5.89 3.09
N LEU A 226 -19.43 -5.71 1.79
CA LEU A 226 -18.53 -6.27 0.80
C LEU A 226 -17.09 -5.77 0.93
N PRO A 227 -16.83 -4.46 1.08
CA PRO A 227 -15.43 -4.04 1.24
C PRO A 227 -14.77 -4.59 2.50
N ALA A 228 -15.54 -4.77 3.59
CA ALA A 228 -14.99 -5.36 4.80
C ALA A 228 -14.52 -6.78 4.55
N ILE A 229 -15.36 -7.58 3.88
CA ILE A 229 -14.97 -8.94 3.53
C ILE A 229 -13.74 -8.93 2.64
N ILE A 230 -13.69 -8.02 1.66
CA ILE A 230 -12.54 -7.98 0.76
C ILE A 230 -11.27 -7.67 1.54
N GLY A 231 -11.36 -6.75 2.51
CA GLY A 231 -10.20 -6.46 3.34
C GLY A 231 -9.76 -7.64 4.18
N GLY A 232 -10.73 -8.36 4.77
CA GLY A 232 -10.38 -9.55 5.53
C GLY A 232 -9.69 -10.60 4.68
N LEU A 233 -10.23 -10.84 3.48
CA LEU A 233 -9.61 -11.79 2.56
C LEU A 233 -8.21 -11.35 2.17
N ALA A 234 -8.02 -10.05 1.96
CA ALA A 234 -6.70 -9.55 1.60
C ALA A 234 -5.72 -9.78 2.74
N ILE A 235 -6.12 -9.47 3.98
CA ILE A 235 -5.28 -9.70 5.15
C ILE A 235 -4.85 -11.16 5.20
N ALA A 236 -5.80 -12.09 5.03
CA ALA A 236 -5.49 -13.51 5.12
C ALA A 236 -4.53 -13.96 4.01
N GLY A 237 -4.85 -13.62 2.76
CA GLY A 237 -3.97 -13.99 1.66
C GLY A 237 -2.58 -13.38 1.79
N ALA A 238 -2.49 -12.15 2.31
CA ALA A 238 -1.21 -11.48 2.40
C ALA A 238 -0.34 -12.08 3.50
N LEU A 239 -0.96 -12.49 4.62
CA LEU A 239 -0.19 -13.21 5.63
C LEU A 239 0.30 -14.55 5.08
N GLY A 240 -0.54 -15.24 4.29
CA GLY A 240 -0.09 -16.46 3.63
C GLY A 240 1.12 -16.22 2.74
N ILE A 241 1.04 -15.18 1.91
CA ILE A 241 2.13 -14.86 0.99
C ILE A 241 3.40 -14.54 1.78
N MET A 242 3.26 -13.80 2.88
CA MET A 242 4.46 -13.45 3.64
C MET A 242 5.09 -14.68 4.27
N ARG A 243 4.30 -15.63 4.72
CA ARG A 243 4.88 -16.87 5.25
C ARG A 243 5.63 -17.63 4.16
N LEU A 244 5.00 -17.75 2.98
CA LEU A 244 5.68 -18.37 1.86
C LEU A 244 7.00 -17.67 1.55
N VAL A 245 7.00 -16.33 1.58
CA VAL A 245 8.23 -15.56 1.38
C VAL A 245 9.24 -15.88 2.47
N ALA A 246 8.76 -16.07 3.70
CA ALA A 246 9.64 -16.39 4.80
C ALA A 246 10.36 -17.70 4.56
N GLU A 247 9.75 -18.62 3.81
CA GLU A 247 10.44 -19.87 3.46
C GLU A 247 11.76 -19.66 2.73
N PHE A 248 11.95 -18.54 2.04
CA PHE A 248 13.13 -18.31 1.21
C PHE A 248 14.04 -17.21 1.75
N THR A 249 13.49 -16.03 2.04
CA THR A 249 14.21 -14.89 2.61
C THR A 249 13.67 -14.62 4.02
N PRO A 250 14.49 -14.03 4.91
CA PRO A 250 13.99 -13.72 6.25
C PRO A 250 12.98 -12.59 6.24
N VAL A 251 12.00 -12.68 7.13
CA VAL A 251 10.90 -11.70 7.20
C VAL A 251 10.89 -11.08 8.59
N HIS A 252 11.04 -9.76 8.65
CA HIS A 252 11.13 -9.10 9.95
C HIS A 252 9.79 -9.08 10.67
N PHE A 253 9.86 -9.07 12.01
CA PHE A 253 8.68 -8.98 12.86
C PHE A 253 7.75 -7.86 12.41
N PHE A 254 8.30 -6.66 12.24
CA PHE A 254 7.53 -5.46 11.92
C PHE A 254 6.77 -5.59 10.61
N ALA A 255 7.02 -6.63 9.83
CA ALA A 255 6.31 -6.80 8.57
C ALA A 255 4.87 -7.25 8.79
N GLN A 256 4.59 -7.89 9.94
CA GLN A 256 3.21 -8.33 10.17
C GLN A 256 2.25 -7.17 10.37
N PRO A 257 2.48 -6.21 11.29
CA PRO A 257 1.51 -5.12 11.44
C PRO A 257 1.33 -4.29 10.18
N VAL A 258 2.40 -4.14 9.38
CA VAL A 258 2.32 -3.36 8.15
C VAL A 258 1.27 -3.92 7.21
N VAL A 259 1.10 -5.25 7.19
CA VAL A 259 0.06 -5.84 6.35
C VAL A 259 -1.30 -5.28 6.72
N THR A 260 -1.58 -5.13 8.01
CA THR A 260 -2.91 -4.67 8.40
C THR A 260 -2.97 -3.16 8.57
N LEU A 261 -1.86 -2.51 8.93
CA LEU A 261 -1.90 -1.06 9.06
C LEU A 261 -2.05 -0.39 7.69
N ILE A 262 -1.24 -0.81 6.74
CA ILE A 262 -1.31 -0.27 5.38
C ILE A 262 -2.26 -1.08 4.50
N GLY A 263 -2.12 -2.40 4.49
CA GLY A 263 -2.84 -3.20 3.52
C GLY A 263 -4.35 -3.18 3.71
N LEU A 264 -4.81 -3.32 4.95
CA LEU A 264 -6.24 -3.45 5.22
C LEU A 264 -7.02 -2.21 4.76
N GLY A 265 -6.51 -1.02 5.09
CA GLY A 265 -7.15 0.20 4.64
C GLY A 265 -7.20 0.31 3.12
N ILE A 266 -6.11 -0.07 2.44
CA ILE A 266 -6.09 -0.01 0.97
C ILE A 266 -7.09 -0.99 0.39
N ALA A 267 -7.11 -2.22 0.92
CA ALA A 267 -8.05 -3.22 0.44
C ALA A 267 -9.47 -2.73 0.56
N ILE A 268 -9.83 -2.22 1.74
CA ILE A 268 -11.19 -1.76 1.95
C ILE A 268 -11.52 -0.58 1.05
N ASP A 269 -10.56 0.33 0.85
CA ASP A 269 -10.83 1.50 0.03
C ASP A 269 -11.06 1.11 -1.43
N TYR A 270 -10.22 0.20 -1.94
CA TYR A 270 -10.46 -0.37 -3.28
C TYR A 270 -11.86 -0.97 -3.35
N GLY A 271 -12.19 -1.85 -2.40
CA GLY A 271 -13.52 -2.43 -2.38
C GLY A 271 -14.62 -1.39 -2.45
N LEU A 272 -14.55 -0.41 -1.57
CA LEU A 272 -15.61 0.60 -1.46
C LEU A 272 -15.76 1.40 -2.74
N PHE A 273 -14.65 1.70 -3.41
CA PHE A 273 -14.75 2.43 -4.67
C PHE A 273 -15.41 1.59 -5.75
N ILE A 274 -15.02 0.32 -5.84
CA ILE A 274 -15.65 -0.59 -6.80
C ILE A 274 -17.15 -0.69 -6.51
N VAL A 275 -17.52 -0.85 -5.24
CA VAL A 275 -18.92 -1.07 -4.93
C VAL A 275 -19.74 0.18 -5.27
N SER A 276 -19.23 1.37 -4.96
CA SER A 276 -19.98 2.57 -5.29
C SER A 276 -20.06 2.79 -6.80
N ARG A 277 -19.00 2.45 -7.54
CA ARG A 277 -19.09 2.56 -8.99
C ARG A 277 -20.12 1.58 -9.55
N PHE A 278 -20.17 0.37 -9.02
CA PHE A 278 -21.19 -0.59 -9.44
C PHE A 278 -22.60 -0.06 -9.17
N ARG A 279 -22.80 0.50 -7.98
CA ARG A 279 -24.12 1.01 -7.62
C ARG A 279 -24.53 2.17 -8.53
N GLU A 280 -23.58 3.01 -8.94
CA GLU A 280 -24.00 4.08 -9.83
C GLU A 280 -24.15 3.61 -11.27
N GLU A 281 -23.49 2.51 -11.65
CA GLU A 281 -23.81 1.88 -12.93
C GLU A 281 -25.24 1.34 -12.92
N ILE A 282 -25.63 0.69 -11.82
CA ILE A 282 -27.01 0.21 -11.71
C ILE A 282 -27.99 1.38 -11.77
N ALA A 283 -27.71 2.45 -11.02
CA ALA A 283 -28.59 3.63 -11.00
C ALA A 283 -28.72 4.28 -12.36
N GLU A 284 -27.78 4.07 -13.28
CA GLU A 284 -27.90 4.66 -14.60
C GLU A 284 -28.66 3.77 -15.57
N GLY A 285 -29.08 2.58 -15.13
CA GLY A 285 -29.97 1.75 -15.90
C GLY A 285 -29.33 0.57 -16.60
N TYR A 286 -28.08 0.25 -16.27
CA TYR A 286 -27.35 -0.77 -16.99
C TYR A 286 -27.70 -2.17 -16.48
N ASP A 287 -27.58 -3.14 -17.38
CA ASP A 287 -27.61 -4.54 -17.00
C ASP A 287 -26.61 -4.82 -15.89
N THR A 288 -26.92 -5.79 -15.03
CA THR A 288 -25.95 -6.27 -14.06
C THR A 288 -24.64 -6.67 -14.75
N GLU A 289 -24.75 -7.41 -15.85
CA GLU A 289 -23.55 -7.80 -16.59
C GLU A 289 -22.86 -6.59 -17.20
N ALA A 290 -23.63 -5.67 -17.79
CA ALA A 290 -23.05 -4.42 -18.27
C ALA A 290 -22.45 -3.63 -17.12
N ALA A 291 -23.15 -3.59 -15.99
CA ALA A 291 -22.62 -2.91 -14.81
C ALA A 291 -21.26 -3.47 -14.44
N VAL A 292 -21.19 -4.79 -14.24
CA VAL A 292 -19.93 -5.41 -13.83
C VAL A 292 -18.81 -5.07 -14.82
N ARG A 293 -19.10 -5.23 -16.11
CA ARG A 293 -18.08 -4.96 -17.12
C ARG A 293 -17.59 -3.52 -17.03
N ARG A 294 -18.51 -2.57 -16.90
CA ARG A 294 -18.13 -1.15 -16.90
C ARG A 294 -17.48 -0.72 -15.62
N THR A 295 -17.80 -1.34 -14.49
CA THR A 295 -17.05 -0.99 -13.29
C THR A 295 -15.64 -1.52 -13.36
N VAL A 296 -15.43 -2.76 -13.82
CA VAL A 296 -14.03 -3.19 -13.92
C VAL A 296 -13.29 -2.32 -14.93
N MET A 297 -13.92 -2.02 -16.07
CA MET A 297 -13.25 -1.24 -17.11
C MET A 297 -12.95 0.20 -16.67
N THR A 298 -13.76 0.79 -15.80
CA THR A 298 -13.47 2.14 -15.33
C THR A 298 -12.77 2.16 -13.98
N SER A 299 -13.46 1.70 -12.93
CA SER A 299 -12.87 1.80 -11.60
C SER A 299 -11.81 0.74 -11.34
N GLY A 300 -11.91 -0.46 -11.95
CA GLY A 300 -10.83 -1.41 -11.75
C GLY A 300 -9.52 -0.89 -12.31
N ARG A 301 -9.58 -0.11 -13.39
CA ARG A 301 -8.36 0.43 -13.97
C ARG A 301 -7.69 1.38 -12.99
N THR A 302 -8.47 2.26 -12.38
CA THR A 302 -7.85 3.22 -11.46
C THR A 302 -7.42 2.55 -10.16
N VAL A 303 -8.13 1.51 -9.73
CA VAL A 303 -7.66 0.73 -8.59
C VAL A 303 -6.31 0.10 -8.90
N VAL A 304 -6.19 -0.49 -10.08
CA VAL A 304 -4.94 -1.14 -10.49
C VAL A 304 -3.82 -0.11 -10.64
N PHE A 305 -4.14 1.06 -11.19
CA PHE A 305 -3.14 2.11 -11.31
C PHE A 305 -2.69 2.61 -9.94
N SER A 306 -3.62 2.69 -8.98
CA SER A 306 -3.24 3.01 -7.61
C SER A 306 -2.28 1.96 -7.07
N ALA A 307 -2.55 0.69 -7.37
CA ALA A 307 -1.65 -0.37 -6.93
C ALA A 307 -0.27 -0.18 -7.54
N VAL A 308 -0.22 0.17 -8.83
CA VAL A 308 1.06 0.39 -9.50
C VAL A 308 1.78 1.55 -8.84
N ILE A 309 1.05 2.60 -8.47
CA ILE A 309 1.67 3.77 -7.83
C ILE A 309 2.24 3.39 -6.47
N ILE A 310 1.49 2.63 -5.68
CA ILE A 310 1.98 2.28 -4.36
C ILE A 310 3.21 1.37 -4.46
N VAL A 311 3.17 0.40 -5.39
CA VAL A 311 4.32 -0.46 -5.60
C VAL A 311 5.52 0.36 -6.06
N ALA A 312 5.28 1.33 -6.95
CA ALA A 312 6.36 2.17 -7.46
C ALA A 312 6.96 3.02 -6.37
N SER A 313 6.15 3.44 -5.40
CA SER A 313 6.67 4.20 -4.28
C SER A 313 7.38 3.32 -3.27
N SER A 314 7.05 2.03 -3.22
CA SER A 314 7.66 1.15 -2.23
C SER A 314 8.98 0.53 -2.71
N VAL A 315 9.08 0.15 -3.98
CA VAL A 315 10.26 -0.60 -4.45
C VAL A 315 11.58 0.15 -4.31
N PRO A 316 11.65 1.49 -4.36
CA PRO A 316 12.95 2.14 -4.09
C PRO A 316 13.49 1.84 -2.69
N LEU A 317 12.64 1.44 -1.74
CA LEU A 317 13.16 1.00 -0.45
C LEU A 317 14.12 -0.17 -0.58
N LEU A 318 14.02 -0.95 -1.64
CA LEU A 318 14.88 -2.12 -1.77
C LEU A 318 16.35 -1.76 -1.98
N LEU A 319 16.67 -0.49 -2.27
CA LEU A 319 18.07 -0.10 -2.35
C LEU A 319 18.75 -0.15 -0.98
N PHE A 320 18.03 0.16 0.07
CA PHE A 320 18.62 0.14 1.39
C PHE A 320 18.91 -1.30 1.80
N PRO A 321 20.02 -1.55 2.48
CA PRO A 321 20.44 -2.94 2.74
C PRO A 321 19.78 -3.60 3.92
N GLN A 322 19.02 -2.87 4.74
CA GLN A 322 18.48 -3.44 5.98
C GLN A 322 17.35 -4.42 5.66
N GLY A 323 17.45 -5.64 6.20
CA GLY A 323 16.40 -6.62 5.95
C GLY A 323 15.06 -6.16 6.47
N PHE A 324 15.08 -5.30 7.48
CA PHE A 324 13.87 -4.68 8.00
C PHE A 324 13.09 -3.99 6.88
N LEU A 325 13.74 -3.09 6.13
CA LEU A 325 13.05 -2.37 5.07
C LEU A 325 12.64 -3.31 3.93
N LYS A 326 13.46 -4.33 3.64
CA LYS A 326 13.09 -5.27 2.58
C LYS A 326 11.82 -6.04 2.94
N SER A 327 11.75 -6.55 4.18
CA SER A 327 10.55 -7.27 4.59
C SER A 327 9.32 -6.38 4.54
N ILE A 328 9.45 -5.13 5.00
CA ILE A 328 8.30 -4.24 4.96
C ILE A 328 7.87 -3.96 3.52
N THR A 329 8.85 -3.81 2.62
CA THR A 329 8.52 -3.56 1.22
C THR A 329 7.78 -4.74 0.61
N TYR A 330 8.29 -5.95 0.84
CA TYR A 330 7.57 -7.14 0.39
C TYR A 330 6.14 -7.15 0.91
N ALA A 331 5.95 -6.82 2.20
CA ALA A 331 4.61 -6.84 2.77
C ALA A 331 3.69 -5.85 2.09
N ILE A 332 4.16 -4.61 1.92
CA ILE A 332 3.37 -3.59 1.23
C ILE A 332 2.96 -4.08 -0.15
N ILE A 333 3.94 -4.56 -0.93
CA ILE A 333 3.69 -4.96 -2.31
C ILE A 333 2.67 -6.10 -2.35
N ALA A 334 2.88 -7.11 -1.51
CA ALA A 334 1.94 -8.23 -1.45
C ALA A 334 0.54 -7.76 -1.11
N SER A 335 0.41 -6.94 -0.07
CA SER A 335 -0.91 -6.49 0.37
C SER A 335 -1.64 -5.72 -0.73
N VAL A 336 -0.99 -4.70 -1.30
CA VAL A 336 -1.73 -3.84 -2.22
C VAL A 336 -2.04 -4.59 -3.52
N MET A 337 -1.11 -5.44 -3.98
CA MET A 337 -1.38 -6.14 -5.23
C MET A 337 -2.50 -7.15 -5.05
N LEU A 338 -2.49 -7.90 -3.95
CA LEU A 338 -3.61 -8.79 -3.67
C LEU A 338 -4.91 -8.01 -3.53
N ALA A 339 -4.85 -6.80 -2.96
CA ALA A 339 -6.06 -6.01 -2.77
C ALA A 339 -6.68 -5.63 -4.11
N ALA A 340 -5.85 -5.21 -5.06
CA ALA A 340 -6.36 -4.90 -6.40
C ALA A 340 -6.91 -6.16 -7.08
N ILE A 341 -6.14 -7.26 -7.01
CA ILE A 341 -6.60 -8.52 -7.60
C ILE A 341 -7.98 -8.89 -7.05
N LEU A 342 -8.11 -8.86 -5.72
CA LEU A 342 -9.37 -9.22 -5.09
C LEU A 342 -10.49 -8.28 -5.51
N SER A 343 -10.20 -6.97 -5.58
CA SER A 343 -11.26 -6.03 -5.88
C SER A 343 -11.80 -6.21 -7.29
N ILE A 344 -11.00 -6.64 -8.25
CA ILE A 344 -11.54 -6.84 -9.59
C ILE A 344 -11.89 -8.32 -9.86
N THR A 345 -11.76 -9.20 -8.87
CA THR A 345 -12.13 -10.59 -9.08
C THR A 345 -13.23 -11.02 -8.12
N VAL A 346 -12.88 -11.32 -6.87
CA VAL A 346 -13.86 -11.77 -5.88
C VAL A 346 -15.01 -10.75 -5.78
N LEU A 347 -14.66 -9.48 -5.67
CA LEU A 347 -15.69 -8.46 -5.50
C LEU A 347 -16.55 -8.32 -6.74
N ALA A 348 -15.92 -8.26 -7.92
CA ALA A 348 -16.69 -8.19 -9.17
C ALA A 348 -17.57 -9.41 -9.34
N ALA A 349 -17.08 -10.60 -8.95
CA ALA A 349 -17.88 -11.80 -9.08
C ALA A 349 -19.08 -11.76 -8.14
N ALA A 350 -18.83 -11.37 -6.89
CA ALA A 350 -19.90 -11.21 -5.90
C ALA A 350 -20.98 -10.27 -6.44
N LEU A 351 -20.56 -9.09 -6.90
CA LEU A 351 -21.52 -8.13 -7.44
C LEU A 351 -22.23 -8.67 -8.66
N ALA A 352 -21.56 -9.47 -9.49
CA ALA A 352 -22.25 -10.09 -10.61
C ALA A 352 -23.35 -11.04 -10.14
N ILE A 353 -23.10 -11.75 -9.03
CA ILE A 353 -24.13 -12.65 -8.49
C ILE A 353 -25.29 -11.84 -7.91
N LEU A 354 -24.96 -10.80 -7.14
CA LEU A 354 -25.98 -10.07 -6.39
C LEU A 354 -26.82 -9.19 -7.31
N GLY A 355 -26.20 -8.52 -8.27
CA GLY A 355 -26.88 -7.56 -9.09
C GLY A 355 -27.36 -6.41 -8.26
N PRO A 356 -28.60 -5.96 -8.50
CA PRO A 356 -29.19 -4.91 -7.67
C PRO A 356 -29.48 -5.34 -6.24
N ARG A 357 -29.26 -6.61 -5.88
CA ARG A 357 -29.53 -7.08 -4.52
C ARG A 357 -28.61 -6.46 -3.48
N VAL A 358 -27.59 -5.70 -3.89
CA VAL A 358 -26.67 -5.12 -2.90
C VAL A 358 -27.35 -4.08 -2.03
N ASP A 359 -28.46 -3.51 -2.47
CA ASP A 359 -29.20 -2.52 -1.69
C ASP A 359 -30.39 -3.12 -0.97
N ALA A 360 -30.53 -4.44 -0.98
CA ALA A 360 -31.70 -5.12 -0.40
C ALA A 360 -31.88 -4.80 1.08
N LEU A 361 -30.97 -5.27 1.92
CA LEU A 361 -31.10 -5.17 3.37
C LEU A 361 -30.74 -3.76 3.82
N GLY A 362 -31.71 -3.03 4.36
CA GLY A 362 -31.51 -1.65 4.77
C GLY A 362 -31.00 -1.53 6.20
N VAL A 363 -31.00 -0.29 6.68
CA VAL A 363 -30.46 0.04 8.00
C VAL A 363 -31.03 -0.89 9.07
N THR A 364 -32.34 -1.11 9.05
CA THR A 364 -33.01 -1.86 10.10
C THR A 364 -32.76 -3.35 9.89
N THR A 365 -31.69 -3.85 10.50
CA THR A 365 -31.42 -5.28 10.56
C THR A 365 -30.59 -5.54 11.82
N LEU A 366 -31.24 -6.04 12.87
CA LEU A 366 -30.65 -6.13 14.20
C LEU A 366 -30.74 -7.57 14.70
N LEU A 367 -29.59 -8.14 15.07
CA LEU A 367 -29.51 -9.49 15.61
C LEU A 367 -28.81 -9.56 16.97
N LYS A 368 -27.81 -8.72 17.21
CA LYS A 368 -27.11 -8.70 18.50
C LYS A 368 -27.07 -7.28 19.07
N GLY A 401 -25.24 19.03 -2.52
CA GLY A 401 -23.80 18.98 -2.71
C GLY A 401 -23.07 20.06 -1.93
N PHE A 402 -22.27 19.63 -0.95
CA PHE A 402 -21.49 20.56 -0.14
C PHE A 402 -20.20 20.95 -0.84
N TRP A 403 -19.47 19.98 -1.37
CA TRP A 403 -18.36 20.29 -2.27
C TRP A 403 -18.89 21.04 -3.49
N GLY A 404 -18.04 21.88 -4.05
CA GLY A 404 -18.48 22.71 -5.17
C GLY A 404 -18.51 24.18 -4.81
N ARG A 405 -19.00 24.48 -3.61
CA ARG A 405 -19.06 25.85 -3.13
C ARG A 405 -17.82 26.23 -2.34
N LEU A 406 -17.36 25.34 -1.45
CA LEU A 406 -16.07 25.54 -0.80
C LEU A 406 -14.97 25.72 -1.82
N VAL A 407 -15.03 24.97 -2.92
CA VAL A 407 -14.01 25.16 -3.94
C VAL A 407 -14.25 26.46 -4.69
N ASN A 408 -15.50 26.92 -4.79
CA ASN A 408 -15.71 28.21 -5.46
C ASN A 408 -15.14 29.36 -4.64
N VAL A 409 -15.11 29.22 -3.31
CA VAL A 409 -14.47 30.23 -2.46
C VAL A 409 -12.99 30.35 -2.81
N VAL A 410 -12.25 29.23 -2.73
CA VAL A 410 -10.83 29.25 -3.10
C VAL A 410 -10.65 29.66 -4.54
N MET A 411 -11.60 29.31 -5.40
CA MET A 411 -11.44 29.53 -6.83
C MET A 411 -11.50 31.00 -7.17
N LYS A 412 -12.49 31.73 -6.64
CA LYS A 412 -12.67 33.11 -7.07
C LYS A 412 -11.58 34.02 -6.52
N ARG A 413 -11.05 33.72 -5.33
CA ARG A 413 -9.84 34.37 -4.84
C ARG A 413 -8.92 33.33 -4.21
N PRO A 414 -7.88 32.90 -4.94
CA PRO A 414 -7.07 31.77 -4.48
C PRO A 414 -5.84 32.13 -3.65
N ILE A 415 -5.11 33.18 -4.05
CA ILE A 415 -3.81 33.47 -3.45
C ILE A 415 -3.94 33.78 -1.96
N ALA A 416 -5.04 34.42 -1.55
CA ALA A 416 -5.25 34.74 -0.15
C ALA A 416 -5.28 33.49 0.72
N PHE A 417 -5.63 32.35 0.15
CA PHE A 417 -5.61 31.08 0.86
C PHE A 417 -4.34 30.28 0.58
N ALA A 418 -3.79 30.40 -0.61
CA ALA A 418 -2.56 29.68 -0.95
C ALA A 418 -1.38 30.14 -0.10
N ALA A 419 -1.24 31.46 0.09
CA ALA A 419 -0.03 31.97 0.75
C ALA A 419 0.09 31.53 2.20
N PRO A 420 -0.90 31.77 3.09
CA PRO A 420 -0.71 31.34 4.49
C PRO A 420 -0.58 29.83 4.64
N ILE A 421 -1.35 29.08 3.86
CA ILE A 421 -1.19 27.63 3.82
C ILE A 421 0.24 27.27 3.42
N LEU A 422 0.80 27.98 2.43
CA LEU A 422 2.13 27.66 1.94
C LEU A 422 3.25 28.08 2.87
N VAL A 423 3.00 28.98 3.83
CA VAL A 423 4.08 29.41 4.73
C VAL A 423 4.01 28.68 6.07
N VAL A 424 2.79 28.37 6.54
CA VAL A 424 2.68 27.53 7.72
C VAL A 424 3.36 26.19 7.47
N MET A 425 3.28 25.67 6.26
CA MET A 425 3.89 24.36 6.02
C MET A 425 5.42 24.44 6.02
N VAL A 426 6.01 25.55 5.56
CA VAL A 426 7.47 25.68 5.61
C VAL A 426 7.94 25.91 7.04
N LEU A 427 7.16 26.64 7.85
CA LEU A 427 7.51 26.77 9.26
C LEU A 427 7.12 25.54 10.08
N LEU A 428 6.52 24.54 9.46
CA LEU A 428 6.52 23.19 9.99
C LEU A 428 7.67 22.35 9.44
N ILE A 429 8.25 22.75 8.31
CA ILE A 429 9.48 22.12 7.86
C ILE A 429 10.65 22.53 8.77
N ILE A 430 10.60 23.72 9.37
CA ILE A 430 11.77 24.20 10.12
C ILE A 430 12.23 23.24 11.23
N PRO A 431 11.36 22.52 11.96
CA PRO A 431 11.90 21.54 12.92
C PRO A 431 12.61 20.36 12.27
N LEU A 432 12.51 20.19 10.94
CA LEU A 432 13.04 18.99 10.30
C LEU A 432 14.56 18.89 10.45
N GLY A 433 15.28 19.97 10.15
CA GLY A 433 16.73 19.93 10.06
C GLY A 433 17.45 19.38 11.27
N GLN A 434 16.77 19.34 12.42
CA GLN A 434 17.40 18.95 13.67
C GLN A 434 17.58 17.45 13.84
N LEU A 435 16.87 16.64 13.04
CA LEU A 435 16.60 15.23 13.34
C LEU A 435 17.78 14.50 13.97
N SER A 436 17.47 13.72 15.00
CA SER A 436 18.41 12.85 15.68
C SER A 436 18.12 11.41 15.28
N LEU A 437 19.17 10.60 15.22
CA LEU A 437 19.01 9.20 14.85
C LEU A 437 19.82 8.33 15.79
N GLY A 438 19.31 7.14 16.07
CA GLY A 438 19.97 6.26 17.00
C GLY A 438 19.49 4.83 16.86
N GLY A 439 19.94 3.98 17.78
CA GLY A 439 19.61 2.58 17.74
C GLY A 439 18.47 2.21 18.69
N ILE A 440 18.20 0.91 18.74
CA ILE A 440 17.18 0.39 19.64
C ILE A 440 17.69 0.45 21.07
N SER A 441 16.80 0.81 21.99
CA SER A 441 17.15 0.90 23.40
C SER A 441 15.91 0.56 24.23
N GLU A 442 16.11 0.48 25.55
CA GLU A 442 15.01 0.26 26.48
C GLU A 442 13.91 1.32 26.31
N LYS A 443 14.28 2.54 25.91
CA LYS A 443 13.36 3.66 25.79
C LYS A 443 12.42 3.56 24.59
N TYR A 444 12.46 2.46 23.83
CA TYR A 444 11.48 2.25 22.77
C TYR A 444 10.14 1.78 23.32
N LEU A 445 10.12 1.29 24.55
CA LEU A 445 8.94 0.88 25.28
C LEU A 445 8.42 2.05 26.13
N PRO A 446 7.17 1.99 26.59
CA PRO A 446 6.63 3.10 27.39
C PRO A 446 7.35 3.19 28.72
N PRO A 447 7.39 4.39 29.33
CA PRO A 447 8.06 4.54 30.64
C PRO A 447 7.48 3.66 31.73
N ASP A 448 6.20 3.31 31.67
CA ASP A 448 5.59 2.49 32.71
C ASP A 448 5.75 0.99 32.45
N ASN A 449 6.48 0.62 31.41
CA ASN A 449 6.72 -0.80 31.14
C ASN A 449 7.63 -1.39 32.20
N ALA A 450 7.20 -2.52 32.77
CA ALA A 450 7.96 -3.14 33.85
C ALA A 450 9.35 -3.60 33.39
N VAL A 451 9.47 -4.16 32.18
CA VAL A 451 10.75 -4.70 31.75
C VAL A 451 11.76 -3.57 31.55
N ARG A 452 11.36 -2.51 30.85
CA ARG A 452 12.20 -1.32 30.74
C ARG A 452 12.64 -0.83 32.10
N GLN A 453 11.74 -0.84 33.07
CA GLN A 453 12.09 -0.39 34.40
C GLN A 453 13.09 -1.33 35.06
N SER A 454 12.99 -2.64 34.83
CA SER A 454 14.01 -3.52 35.38
C SER A 454 15.37 -3.20 34.78
N GLN A 455 15.40 -2.89 33.49
CA GLN A 455 16.66 -2.47 32.87
C GLN A 455 17.21 -1.19 33.53
N GLU A 456 16.34 -0.19 33.71
CA GLU A 456 16.79 1.07 34.33
C GLU A 456 17.24 0.84 35.76
N GLN A 457 16.60 -0.08 36.49
CA GLN A 457 17.04 -0.39 37.84
C GLN A 457 18.41 -1.03 37.85
N PHE A 458 18.64 -1.94 36.89
CA PHE A 458 19.94 -2.59 36.80
C PHE A 458 21.04 -1.58 36.51
N ASP A 459 20.75 -0.62 35.63
CA ASP A 459 21.76 0.39 35.33
C ASP A 459 21.98 1.35 36.49
N LYS A 460 20.92 1.66 37.25
CA LYS A 460 21.07 2.51 38.42
C LYS A 460 21.81 1.82 39.55
N LEU A 461 21.66 0.49 39.68
CA LEU A 461 22.25 -0.24 40.79
C LEU A 461 23.63 -0.80 40.47
N PHE A 462 23.91 -1.08 39.20
CA PHE A 462 25.19 -1.65 38.78
C PHE A 462 25.65 -0.89 37.55
N PRO A 463 26.17 0.33 37.74
CA PRO A 463 26.41 1.20 36.58
C PRO A 463 27.53 0.76 35.65
N GLY A 464 28.52 0.01 36.13
CA GLY A 464 29.64 -0.19 35.24
C GLY A 464 29.50 -1.26 34.18
N PHE A 465 28.49 -2.12 34.28
CA PHE A 465 28.53 -3.39 33.56
C PHE A 465 28.05 -3.28 32.11
N ARG A 466 27.05 -2.44 31.85
CA ARG A 466 26.50 -2.29 30.50
C ARG A 466 27.42 -1.39 29.69
N THR A 467 28.19 -2.00 28.80
CA THR A 467 29.13 -1.27 27.96
C THR A 467 28.94 -1.70 26.52
N GLU A 468 29.31 -0.81 25.61
CA GLU A 468 29.26 -1.08 24.17
C GLU A 468 30.56 -0.57 23.55
N PRO A 469 31.66 -1.29 23.73
CA PRO A 469 32.96 -0.81 23.26
C PRO A 469 33.11 -0.94 21.75
N LEU A 470 34.15 -0.29 21.24
CA LEU A 470 34.60 -0.51 19.88
C LEU A 470 35.64 -1.63 19.86
N THR A 471 35.54 -2.47 18.84
CA THR A 471 36.45 -3.59 18.64
C THR A 471 37.37 -3.33 17.45
N LEU A 472 38.63 -3.74 17.59
CA LEU A 472 39.61 -3.88 16.51
C LEU A 472 39.84 -5.37 16.27
N VAL A 473 39.28 -5.90 15.19
CA VAL A 473 39.42 -7.30 14.80
C VAL A 473 40.51 -7.38 13.76
N MET A 474 41.63 -8.00 14.12
CA MET A 474 42.77 -8.16 13.23
C MET A 474 42.76 -9.57 12.67
N LYS A 475 42.82 -9.68 11.35
CA LYS A 475 42.86 -10.96 10.66
C LYS A 475 44.07 -11.02 9.73
N ARG A 476 44.88 -12.07 9.87
CA ARG A 476 46.05 -12.25 9.00
C ARG A 476 45.64 -12.88 7.68
N GLU A 477 46.09 -12.30 6.57
CA GLU A 477 45.79 -12.87 5.25
C GLU A 477 46.31 -14.30 5.15
N ASP A 478 47.57 -14.52 5.53
CA ASP A 478 48.05 -15.87 5.72
C ASP A 478 47.43 -16.47 6.99
N GLY A 479 47.45 -17.80 7.08
CA GLY A 479 46.81 -18.43 8.20
C GLY A 479 47.64 -18.54 9.46
N GLU A 480 48.91 -18.14 9.41
CA GLU A 480 49.82 -18.27 10.55
C GLU A 480 49.38 -17.34 11.68
N PRO A 481 49.75 -17.67 12.92
CA PRO A 481 49.26 -16.90 14.08
C PRO A 481 49.72 -15.44 14.06
N ILE A 482 49.06 -14.65 14.89
CA ILE A 482 49.42 -13.26 15.12
C ILE A 482 50.33 -13.19 16.34
N THR A 483 51.47 -12.52 16.20
CA THR A 483 52.39 -12.50 17.33
C THR A 483 51.97 -11.47 18.36
N ASP A 484 52.54 -11.60 19.56
CA ASP A 484 52.30 -10.59 20.60
C ASP A 484 52.78 -9.21 20.14
N ALA A 485 53.85 -9.17 19.35
CA ALA A 485 54.39 -7.89 18.89
C ALA A 485 53.42 -7.17 17.97
N GLN A 486 52.71 -7.91 17.11
CA GLN A 486 51.74 -7.26 16.23
C GLN A 486 50.57 -6.68 17.02
N ILE A 487 50.15 -7.36 18.08
CA ILE A 487 49.12 -6.79 18.94
C ILE A 487 49.62 -5.54 19.63
N ALA A 488 50.89 -5.56 20.08
CA ALA A 488 51.45 -4.36 20.69
C ALA A 488 51.47 -3.22 19.69
N ASP A 489 51.80 -3.51 18.43
CA ASP A 489 51.78 -2.50 17.37
C ASP A 489 50.39 -1.89 17.23
N MET A 490 49.38 -2.73 17.02
CA MET A 490 48.02 -2.23 16.87
C MET A 490 47.56 -1.50 18.14
N ARG A 491 48.00 -1.97 19.31
CA ARG A 491 47.62 -1.37 20.57
C ARG A 491 48.15 0.06 20.66
N ALA A 492 49.44 0.24 20.40
CA ALA A 492 50.01 1.58 20.40
C ALA A 492 49.32 2.48 19.37
N LYS A 493 49.14 1.97 18.14
CA LYS A 493 48.49 2.76 17.11
C LYS A 493 47.10 3.21 17.55
N ALA A 494 46.37 2.34 18.27
CA ALA A 494 45.06 2.74 18.79
C ALA A 494 45.21 3.76 19.90
N LEU A 495 46.23 3.62 20.74
CA LEU A 495 46.47 4.58 21.80
C LEU A 495 46.72 5.97 21.23
N THR A 496 47.19 6.07 19.98
CA THR A 496 47.35 7.39 19.39
C THR A 496 46.02 8.13 19.22
N VAL A 497 44.88 7.47 19.41
CA VAL A 497 43.57 8.08 19.22
C VAL A 497 43.00 8.47 20.58
N SER A 498 42.43 9.67 20.65
CA SER A 498 41.87 10.15 21.90
C SER A 498 40.40 9.75 22.02
N GLY A 499 39.78 10.15 23.13
CA GLY A 499 38.36 9.94 23.31
C GLY A 499 37.94 8.53 23.63
N PHE A 500 38.85 7.70 24.13
CA PHE A 500 38.52 6.33 24.52
C PHE A 500 38.59 6.19 26.03
N THR A 501 37.55 5.60 26.61
CA THR A 501 37.45 5.49 28.06
C THR A 501 38.68 4.79 28.63
N ASP A 502 39.10 5.23 29.80
CA ASP A 502 40.26 4.67 30.48
C ASP A 502 39.96 4.64 31.97
N PRO A 503 39.69 3.44 32.50
CA PRO A 503 39.35 3.34 33.93
C PRO A 503 40.58 3.49 34.82
N ASP A 504 41.58 2.73 34.51
CA ASP A 504 42.82 2.83 35.21
C ASP A 504 43.68 3.53 34.21
N ASN A 505 44.49 4.46 34.72
CA ASN A 505 45.39 5.24 33.87
C ASN A 505 46.68 4.47 33.59
N ASP A 506 46.59 3.50 32.67
CA ASP A 506 47.74 2.69 32.30
C ASP A 506 47.70 2.33 30.82
N PRO A 507 48.81 2.56 30.11
CA PRO A 507 48.93 2.27 28.68
C PRO A 507 48.52 0.84 28.33
N GLU A 508 48.98 -0.12 29.12
CA GLU A 508 48.66 -1.53 28.88
C GLU A 508 47.27 -1.90 29.39
N LYS A 509 46.73 -1.06 30.27
CA LYS A 509 45.40 -1.30 30.83
C LYS A 509 44.29 -0.85 29.88
N MET A 510 44.64 -0.68 28.60
CA MET A 510 43.66 -0.27 27.61
C MET A 510 43.70 -1.22 26.43
N TRP A 511 42.57 -1.29 25.71
CA TRP A 511 42.44 -2.14 24.53
C TRP A 511 42.74 -3.60 24.85
N LYS A 512 42.07 -4.11 25.88
CA LYS A 512 42.23 -5.49 26.29
C LYS A 512 41.68 -6.45 25.23
N GLU A 513 42.27 -7.62 25.16
CA GLU A 513 41.75 -8.67 24.30
C GLU A 513 40.32 -8.99 24.70
N ARG A 514 39.47 -9.23 23.71
CA ARG A 514 38.10 -9.64 24.00
C ARG A 514 38.08 -10.98 24.72
N PRO A 515 37.09 -11.23 25.57
CA PRO A 515 37.02 -12.51 26.27
C PRO A 515 36.61 -13.63 25.32
N ALA A 516 37.18 -14.80 25.56
CA ALA A 516 36.91 -15.98 24.75
C ALA A 516 36.13 -17.00 25.56
N ASN A 517 35.09 -17.58 24.96
CA ASN A 517 34.35 -18.67 25.59
C ASN A 517 34.42 -19.94 24.73
N ASP A 518 33.59 -20.92 25.09
CA ASP A 518 33.66 -22.26 24.53
C ASP A 518 33.20 -22.33 23.08
N SER A 519 32.40 -21.36 22.64
CA SER A 519 31.87 -21.36 21.27
C SER A 519 32.88 -20.90 20.23
N GLY A 520 34.01 -20.32 20.64
CA GLY A 520 34.95 -19.72 19.70
C GLY A 520 35.95 -20.72 19.15
N SER A 521 36.29 -20.56 17.87
CA SER A 521 37.27 -21.43 17.22
C SER A 521 38.67 -21.22 17.76
N LYS A 522 38.92 -20.08 18.42
CA LYS A 522 40.22 -19.76 19.01
C LYS A 522 41.32 -19.74 17.95
N ASP A 523 40.93 -19.47 16.71
CA ASP A 523 41.86 -19.42 15.58
C ASP A 523 42.97 -18.42 15.84
N PRO A 524 44.25 -18.85 15.86
CA PRO A 524 45.32 -17.91 16.19
C PRO A 524 45.51 -16.82 15.15
N SER A 525 45.06 -17.03 13.92
CA SER A 525 45.29 -16.07 12.83
C SER A 525 44.43 -14.82 12.94
N VAL A 526 43.70 -14.64 14.03
CA VAL A 526 42.81 -13.48 14.19
C VAL A 526 42.69 -13.19 15.67
N ARG A 527 42.84 -11.92 16.03
CA ARG A 527 42.70 -11.53 17.43
C ARG A 527 41.99 -10.19 17.51
N VAL A 528 41.23 -9.99 18.59
CA VAL A 528 40.38 -8.82 18.77
C VAL A 528 40.80 -8.08 20.04
N ILE A 529 40.84 -6.75 19.96
CA ILE A 529 41.06 -5.91 21.14
C ILE A 529 39.98 -4.84 21.17
N GLN A 530 39.59 -4.39 22.36
CA GLN A 530 38.43 -3.50 22.43
C GLN A 530 38.55 -2.48 23.55
N ASN A 531 37.81 -1.40 23.40
CA ASN A 531 37.75 -0.37 24.44
C ASN A 531 36.53 0.51 24.23
N GLY A 532 35.92 0.92 25.33
CA GLY A 532 34.78 1.80 25.26
C GLY A 532 35.15 3.23 24.92
N LEU A 533 34.14 3.98 24.48
CA LEU A 533 34.30 5.36 24.05
C LEU A 533 34.04 6.33 25.19
N GLU A 534 34.79 7.43 25.19
CA GLU A 534 34.59 8.50 26.17
C GLU A 534 33.23 9.16 25.97
N ASN A 535 33.01 9.75 24.80
CA ASN A 535 31.74 10.38 24.46
C ASN A 535 31.00 9.49 23.47
N ARG A 536 29.80 9.06 23.86
CA ARG A 536 29.00 8.22 22.99
C ARG A 536 28.68 8.91 21.67
N ASN A 537 28.65 10.24 21.65
CA ASN A 537 28.35 11.00 20.46
C ASN A 537 29.56 11.20 19.56
N ASP A 538 30.75 10.76 19.98
CA ASP A 538 31.97 10.90 19.20
C ASP A 538 32.33 9.62 18.46
N ALA A 539 31.36 8.75 18.23
CA ALA A 539 31.62 7.44 17.64
C ALA A 539 31.99 7.56 16.17
N ALA A 540 31.11 8.18 15.38
CA ALA A 540 31.33 8.24 13.92
C ALA A 540 32.69 8.82 13.58
N LYS A 541 33.10 9.88 14.27
CA LYS A 541 34.44 10.42 14.08
C LYS A 541 35.48 9.38 14.46
N LYS A 542 35.39 8.86 15.70
CA LYS A 542 36.42 7.96 16.21
C LYS A 542 36.56 6.72 15.35
N ILE A 543 35.42 6.11 14.98
CA ILE A 543 35.45 4.97 14.07
C ILE A 543 36.25 5.30 12.82
N ASP A 544 35.92 6.43 12.18
CA ASP A 544 36.66 6.81 10.98
C ASP A 544 38.14 6.93 11.30
N GLU A 545 38.49 7.54 12.43
CA GLU A 545 39.88 7.61 12.84
C GLU A 545 40.47 6.22 13.00
N LEU A 546 39.74 5.33 13.69
CA LEU A 546 40.21 3.96 13.85
C LEU A 546 40.35 3.27 12.49
N ARG A 547 39.54 3.66 11.50
CA ARG A 547 39.63 3.04 10.19
C ARG A 547 40.75 3.63 9.35
N ALA A 548 41.28 4.79 9.75
CA ALA A 548 42.34 5.46 9.00
C ALA A 548 43.73 5.06 9.46
N LEU A 549 43.85 4.35 10.58
CA LEU A 549 45.15 3.95 11.11
C LEU A 549 45.79 2.95 10.17
N GLN A 550 47.00 3.25 9.70
CA GLN A 550 47.72 2.33 8.84
C GLN A 550 48.01 1.07 9.66
N PRO A 551 47.37 -0.04 9.33
CA PRO A 551 47.54 -1.26 10.11
C PRO A 551 48.86 -1.92 9.79
N PRO A 552 49.34 -2.83 10.65
CA PRO A 552 50.60 -3.53 10.38
C PRO A 552 50.63 -4.21 9.01
N HIS A 553 51.83 -4.55 8.56
CA HIS A 553 51.95 -5.26 7.29
C HIS A 553 51.37 -6.66 7.44
N GLY A 554 50.59 -7.08 6.44
CA GLY A 554 50.12 -8.45 6.37
C GLY A 554 48.84 -8.75 7.12
N ILE A 555 48.14 -7.73 7.64
CA ILE A 555 46.91 -7.95 8.37
C ILE A 555 45.83 -7.02 7.82
N GLU A 556 44.58 -7.39 8.09
CA GLU A 556 43.40 -6.64 7.72
C GLU A 556 42.65 -6.33 9.01
N VAL A 557 42.04 -5.15 9.09
CA VAL A 557 41.47 -4.65 10.34
C VAL A 557 40.01 -4.28 10.13
N PHE A 558 39.12 -4.91 10.90
CA PHE A 558 37.72 -4.56 10.90
C PHE A 558 37.37 -3.98 12.28
N VAL A 559 36.86 -2.75 12.30
CA VAL A 559 36.45 -2.14 13.56
C VAL A 559 34.94 -2.31 13.70
N GLY A 560 34.52 -2.93 14.80
CA GLY A 560 33.14 -3.23 15.10
C GLY A 560 32.74 -2.73 16.47
N GLY A 561 31.73 -3.35 17.04
CA GLY A 561 31.06 -2.84 18.21
C GLY A 561 29.69 -2.30 17.86
N THR A 562 28.83 -2.24 18.87
CA THR A 562 27.48 -1.75 18.61
C THR A 562 27.44 -0.33 18.07
N PRO A 563 28.22 0.63 18.60
CA PRO A 563 28.23 1.95 17.95
C PRO A 563 28.64 1.86 16.49
N ALA A 564 29.57 0.98 16.17
CA ALA A 564 30.03 0.82 14.80
C ALA A 564 28.92 0.32 13.90
N LEU A 565 28.19 -0.72 14.34
CA LEU A 565 27.07 -1.24 13.57
C LEU A 565 26.00 -0.18 13.33
N GLU A 566 25.61 0.51 14.41
CA GLU A 566 24.58 1.54 14.28
C GLU A 566 25.03 2.65 13.32
N GLN A 567 26.24 3.15 13.50
CA GLN A 567 26.73 4.24 12.66
C GLN A 567 26.91 3.81 11.20
N ASP A 568 27.35 2.57 10.97
CA ASP A 568 27.45 2.08 9.60
C ASP A 568 26.08 1.99 8.95
N SER A 569 25.08 1.52 9.71
CA SER A 569 23.72 1.49 9.19
C SER A 569 23.25 2.89 8.81
N ILE A 570 23.47 3.86 9.70
CA ILE A 570 23.08 5.25 9.43
C ILE A 570 23.79 5.77 8.18
N HIS A 571 25.08 5.45 8.04
CA HIS A 571 25.83 5.91 6.87
C HIS A 571 25.28 5.29 5.59
N SER A 572 24.88 4.02 5.65
CA SER A 572 24.30 3.38 4.47
C SER A 572 22.99 4.05 4.08
N LEU A 573 22.14 4.33 5.06
CA LEU A 573 20.88 5.00 4.75
C LEU A 573 21.12 6.39 4.16
N PHE A 574 22.04 7.17 4.75
CA PHE A 574 22.26 8.52 4.26
C PHE A 574 22.92 8.52 2.87
N ASP A 575 23.61 7.45 2.56
CA ASP A 575 24.30 7.34 1.32
C ASP A 575 23.41 6.89 0.19
N LYS A 576 22.40 6.10 0.49
CA LYS A 576 21.46 5.65 -0.53
C LYS A 576 20.20 6.50 -0.62
N LEU A 577 19.95 7.40 0.33
CA LEU A 577 18.81 8.30 0.25
C LEU A 577 18.74 9.11 -1.03
N PRO A 578 19.83 9.66 -1.59
CA PRO A 578 19.71 10.40 -2.87
C PRO A 578 19.12 9.58 -4.01
N LEU A 579 19.71 8.42 -4.32
CA LEU A 579 19.21 7.60 -5.41
C LEU A 579 17.77 7.15 -5.14
N MET A 580 17.47 6.81 -3.88
CA MET A 580 16.12 6.38 -3.54
C MET A 580 15.11 7.49 -3.82
N ALA A 581 15.40 8.70 -3.36
CA ALA A 581 14.54 9.85 -3.63
C ALA A 581 14.41 10.10 -5.12
N LEU A 582 15.51 9.98 -5.86
CA LEU A 582 15.46 10.25 -7.30
C LEU A 582 14.57 9.25 -8.02
N ILE A 583 14.78 7.96 -7.77
CA ILE A 583 13.95 6.95 -8.42
C ILE A 583 12.50 7.13 -8.03
N LEU A 584 12.23 7.35 -6.73
CA LEU A 584 10.89 7.61 -6.26
C LEU A 584 10.22 8.73 -7.05
N ILE A 585 10.87 9.88 -7.13
CA ILE A 585 10.25 11.06 -7.75
C ILE A 585 10.10 10.85 -9.26
N VAL A 586 11.11 10.28 -9.92
CA VAL A 586 11.04 10.13 -11.37
C VAL A 586 9.96 9.13 -11.76
N THR A 587 9.94 7.97 -11.10
CA THR A 587 8.92 6.97 -11.37
C THR A 587 7.52 7.53 -11.13
N THR A 588 7.32 8.20 -9.98
CA THR A 588 5.99 8.70 -9.67
C THR A 588 5.56 9.79 -10.64
N THR A 589 6.49 10.67 -11.04
CA THR A 589 6.12 11.72 -11.99
C THR A 589 5.82 11.14 -13.37
N VAL A 590 6.50 10.06 -13.76
CA VAL A 590 6.18 9.45 -15.07
C VAL A 590 4.80 8.79 -15.02
N LEU A 591 4.51 8.08 -13.93
CA LEU A 591 3.17 7.52 -13.76
C LEU A 591 2.12 8.62 -13.79
N MET A 592 2.40 9.74 -13.13
CA MET A 592 1.44 10.83 -13.06
C MET A 592 1.29 11.54 -14.40
N PHE A 593 2.32 11.51 -15.23
CA PHE A 593 2.14 12.07 -16.56
C PHE A 593 1.31 11.16 -17.44
N LEU A 594 1.41 9.88 -17.19
CA LEU A 594 0.62 8.96 -17.92
C LEU A 594 -0.80 9.19 -17.55
N ALA A 595 -1.06 9.45 -16.28
CA ALA A 595 -2.41 9.65 -15.79
C ALA A 595 -2.99 11.02 -16.18
N PHE A 596 -2.15 12.06 -16.23
CA PHE A 596 -2.60 13.43 -16.44
C PHE A 596 -2.55 13.89 -17.88
N GLY A 597 -1.66 13.33 -18.69
CA GLY A 597 -1.44 13.87 -20.02
C GLY A 597 -0.95 15.29 -20.02
N SER A 598 -0.13 15.67 -19.04
CA SER A 598 0.36 17.04 -18.91
C SER A 598 1.76 17.01 -18.31
N VAL A 599 2.57 18.02 -18.62
CA VAL A 599 3.90 18.12 -18.04
C VAL A 599 3.97 19.09 -16.87
N VAL A 600 2.90 19.82 -16.58
CA VAL A 600 2.89 20.79 -15.49
C VAL A 600 2.13 20.25 -14.27
N LEU A 601 1.07 19.49 -14.49
CA LEU A 601 0.32 18.93 -13.36
C LEU A 601 1.13 17.89 -12.60
N PRO A 602 1.88 17.00 -13.26
CA PRO A 602 2.74 16.08 -12.49
C PRO A 602 3.84 16.79 -11.72
N ILE A 603 4.40 17.87 -12.26
CA ILE A 603 5.44 18.60 -11.54
C ILE A 603 4.84 19.33 -10.33
N LYS A 604 3.67 19.95 -10.51
CA LYS A 604 2.95 20.52 -9.38
C LYS A 604 2.65 19.47 -8.32
N ALA A 605 2.15 18.32 -8.76
CA ALA A 605 1.93 17.20 -7.85
C ALA A 605 3.21 16.84 -7.10
N ALA A 606 4.33 16.67 -7.82
CA ALA A 606 5.58 16.24 -7.20
C ALA A 606 6.00 17.19 -6.08
N LEU A 607 5.90 18.49 -6.35
CA LEU A 607 6.39 19.49 -5.39
C LEU A 607 5.43 19.66 -4.23
N MET A 608 4.14 19.52 -4.45
CA MET A 608 3.22 19.56 -3.33
C MET A 608 3.33 18.32 -2.45
N SER A 609 3.59 17.16 -3.05
CA SER A 609 3.84 15.97 -2.27
C SER A 609 5.15 16.08 -1.47
N ALA A 610 6.22 16.58 -2.11
CA ALA A 610 7.45 16.86 -1.38
C ALA A 610 7.20 17.84 -0.25
N LEU A 611 6.29 18.79 -0.47
CA LEU A 611 6.04 19.84 0.50
C LEU A 611 5.28 19.31 1.70
N THR A 612 4.20 18.55 1.46
CA THR A 612 3.51 17.89 2.57
C THR A 612 4.40 16.86 3.26
N LEU A 613 5.33 16.24 2.53
CA LEU A 613 6.26 15.31 3.15
C LEU A 613 7.18 16.03 4.13
N GLY A 614 7.81 17.12 3.67
CA GLY A 614 8.65 17.90 4.56
C GLY A 614 7.89 18.39 5.77
N SER A 615 6.66 18.87 5.55
CA SER A 615 5.86 19.40 6.65
C SER A 615 5.52 18.31 7.67
N THR A 616 5.10 17.14 7.18
CA THR A 616 4.68 16.08 8.10
C THR A 616 5.88 15.47 8.81
N MET A 617 7.04 15.41 8.17
CA MET A 617 8.23 14.95 8.87
C MET A 617 8.71 15.98 9.90
N GLY A 618 8.55 17.26 9.61
CA GLY A 618 8.80 18.27 10.63
C GLY A 618 7.92 18.09 11.85
N ILE A 619 6.61 17.88 11.63
CA ILE A 619 5.72 17.62 12.75
C ILE A 619 6.18 16.40 13.54
N LEU A 620 6.55 15.32 12.83
CA LEU A 620 7.00 14.11 13.52
C LEU A 620 8.23 14.38 14.38
N THR A 621 9.18 15.17 13.87
CA THR A 621 10.34 15.54 14.68
C THR A 621 9.89 16.35 15.90
N TRP A 622 8.92 17.25 15.69
CA TRP A 622 8.36 18.05 16.78
C TRP A 622 7.77 17.17 17.88
N MET A 623 7.17 16.04 17.53
CA MET A 623 6.53 15.20 18.55
C MET A 623 7.47 14.17 19.16
N PHE A 624 8.33 13.53 18.36
CA PHE A 624 9.07 12.36 18.84
C PHE A 624 10.53 12.64 19.18
N VAL A 625 11.09 13.74 18.72
CA VAL A 625 12.43 14.15 19.16
C VAL A 625 12.36 15.16 20.29
N ASP A 626 11.57 16.23 20.12
CA ASP A 626 11.44 17.25 21.13
C ASP A 626 10.37 16.94 22.18
N GLY A 627 9.43 16.05 21.87
CA GLY A 627 8.55 15.49 22.88
C GLY A 627 7.17 16.09 22.98
N HIS A 628 6.84 17.10 22.18
CA HIS A 628 5.50 17.67 22.25
C HIS A 628 4.47 16.61 21.86
N GLY A 629 3.83 16.01 22.84
CA GLY A 629 2.93 14.90 22.63
C GLY A 629 3.33 13.69 23.44
N SER A 630 4.52 13.74 24.04
CA SER A 630 5.04 12.59 24.75
C SER A 630 4.19 12.20 25.95
N GLY A 631 3.74 13.20 26.72
CA GLY A 631 3.00 12.90 27.95
C GLY A 631 1.62 12.31 27.71
N LEU A 632 0.91 12.81 26.70
CA LEU A 632 -0.41 12.26 26.39
C LEU A 632 -0.29 10.87 25.78
N MET A 633 0.58 10.71 24.77
CA MET A 633 0.69 9.44 24.08
C MET A 633 1.61 8.44 24.80
N ASN A 634 2.24 8.83 25.90
CA ASN A 634 2.99 7.92 26.77
C ASN A 634 4.21 7.29 26.06
N TYR A 635 5.09 8.17 25.58
CA TYR A 635 6.34 7.71 24.97
C TYR A 635 7.47 8.65 25.38
N THR A 636 8.70 8.17 25.18
CA THR A 636 9.89 8.90 25.60
C THR A 636 10.49 9.62 24.40
N PRO A 637 10.70 10.94 24.48
CA PRO A 637 11.40 11.63 23.38
C PRO A 637 12.81 11.09 23.23
N GLN A 638 13.20 10.82 21.98
CA GLN A 638 14.47 10.20 21.70
C GLN A 638 14.80 10.35 20.23
N PRO A 639 16.02 10.07 19.80
CA PRO A 639 16.30 9.94 18.38
C PRO A 639 15.40 8.89 17.74
N LEU A 640 15.47 8.80 16.43
CA LEU A 640 14.63 7.88 15.69
C LEU A 640 15.45 6.77 15.06
N MET A 641 14.83 5.61 14.92
CA MET A 641 15.36 4.52 14.10
C MET A 641 15.68 5.03 12.70
N ALA A 642 16.94 4.82 12.27
CA ALA A 642 17.38 5.35 10.98
C ALA A 642 16.60 4.80 9.79
N PRO A 643 16.37 3.49 9.65
CA PRO A 643 15.58 3.02 8.50
C PRO A 643 14.15 3.53 8.50
N MET A 644 13.66 4.00 9.65
CA MET A 644 12.30 4.50 9.71
C MET A 644 12.12 5.71 8.81
N ILE A 645 13.16 6.53 8.63
CA ILE A 645 12.93 7.73 7.82
C ILE A 645 12.87 7.39 6.33
N GLY A 646 13.63 6.40 5.87
CA GLY A 646 13.41 5.91 4.52
C GLY A 646 12.03 5.31 4.35
N LEU A 647 11.62 4.47 5.29
CA LEU A 647 10.29 3.87 5.23
C LEU A 647 9.22 4.95 5.16
N ILE A 648 9.36 6.00 5.96
CA ILE A 648 8.31 7.00 6.07
C ILE A 648 8.33 7.94 4.87
N ILE A 649 9.50 8.25 4.31
CA ILE A 649 9.56 9.01 3.08
C ILE A 649 8.79 8.27 1.98
N ALA A 650 9.11 6.98 1.78
CA ALA A 650 8.40 6.24 0.73
C ALA A 650 6.90 6.19 1.00
N VAL A 651 6.51 5.97 2.25
CA VAL A 651 5.10 5.79 2.58
C VAL A 651 4.31 7.08 2.36
N ILE A 652 4.86 8.21 2.82
CA ILE A 652 4.16 9.48 2.68
C ILE A 652 4.12 9.93 1.23
N TRP A 653 5.23 9.79 0.51
CA TRP A 653 5.22 10.11 -0.91
C TRP A 653 4.17 9.27 -1.64
N GLY A 654 4.12 7.97 -1.33
CA GLY A 654 3.15 7.11 -2.00
C GLY A 654 1.72 7.54 -1.74
N LEU A 655 1.39 7.80 -0.47
CA LEU A 655 0.03 8.20 -0.14
C LEU A 655 -0.34 9.50 -0.83
N SER A 656 0.57 10.49 -0.79
CA SER A 656 0.31 11.77 -1.43
C SER A 656 0.03 11.58 -2.92
N THR A 657 0.88 10.81 -3.59
CA THR A 657 0.70 10.57 -5.02
C THR A 657 -0.62 9.87 -5.31
N ASP A 658 -0.96 8.85 -4.51
CA ASP A 658 -2.20 8.12 -4.72
C ASP A 658 -3.41 9.06 -4.64
N TYR A 659 -3.53 9.79 -3.53
CA TYR A 659 -4.71 10.62 -3.33
C TYR A 659 -4.75 11.74 -4.35
N GLU A 660 -3.58 12.26 -4.72
CA GLU A 660 -3.58 13.39 -5.63
C GLU A 660 -3.90 12.97 -7.05
N VAL A 661 -3.46 11.77 -7.48
CA VAL A 661 -3.87 11.31 -8.80
C VAL A 661 -5.36 11.01 -8.81
N PHE A 662 -5.89 10.42 -7.73
CA PHE A 662 -7.31 10.12 -7.76
C PHE A 662 -8.14 11.40 -7.82
N LEU A 663 -7.72 12.44 -7.09
CA LEU A 663 -8.46 13.70 -7.13
C LEU A 663 -8.31 14.41 -8.47
N VAL A 664 -7.09 14.43 -9.01
CA VAL A 664 -6.80 15.28 -10.16
C VAL A 664 -7.18 14.65 -11.49
N SER A 665 -7.16 13.33 -11.62
CA SER A 665 -7.47 12.76 -12.92
C SER A 665 -8.93 12.96 -13.29
N ARG A 666 -9.80 13.16 -12.30
CA ARG A 666 -11.22 13.35 -12.61
C ARG A 666 -11.53 14.80 -12.92
N MET A 667 -10.61 15.71 -12.63
CA MET A 667 -10.62 17.06 -13.17
C MET A 667 -10.03 17.11 -14.57
N VAL A 668 -8.97 16.33 -14.84
CA VAL A 668 -8.43 16.33 -16.19
C VAL A 668 -9.33 15.57 -17.16
N GLU A 669 -10.14 14.63 -16.67
CA GLU A 669 -11.08 13.93 -17.54
C GLU A 669 -12.12 14.86 -18.15
N ALA A 670 -12.20 16.11 -17.68
CA ALA A 670 -13.25 17.04 -18.08
C ALA A 670 -13.18 17.44 -19.55
N ARG A 671 -12.29 16.80 -20.30
CA ARG A 671 -12.26 17.01 -21.75
C ARG A 671 -13.07 15.96 -22.49
N GLU A 672 -13.15 14.74 -21.95
CA GLU A 672 -14.25 13.84 -22.31
C GLU A 672 -15.59 14.51 -22.04
N ARG A 673 -15.64 15.31 -20.98
CA ARG A 673 -16.82 16.06 -20.59
C ARG A 673 -17.00 17.32 -21.43
N GLY A 674 -15.96 17.76 -22.12
CA GLY A 674 -16.05 18.82 -23.08
C GLY A 674 -16.10 20.23 -22.51
N MET A 675 -16.02 20.40 -21.20
CA MET A 675 -16.09 21.71 -20.59
C MET A 675 -14.67 22.25 -20.42
N SER A 676 -14.36 23.36 -21.09
CA SER A 676 -12.99 23.82 -21.27
C SER A 676 -12.51 24.75 -20.16
N THR A 677 -13.42 25.27 -19.32
CA THR A 677 -13.06 26.21 -18.25
C THR A 677 -12.15 25.51 -17.26
N ALA A 678 -11.70 26.30 -16.28
CA ALA A 678 -11.16 25.68 -15.09
C ALA A 678 -12.26 25.14 -14.16
N GLU A 679 -13.50 25.02 -14.64
CA GLU A 679 -14.60 24.36 -13.92
C GLU A 679 -14.38 22.85 -13.80
N ALA A 680 -13.45 22.30 -14.60
CA ALA A 680 -12.95 20.95 -14.36
C ALA A 680 -12.61 20.72 -12.90
N ILE A 681 -11.99 21.72 -12.26
CA ILE A 681 -11.59 21.57 -10.87
C ILE A 681 -12.80 21.41 -9.98
N ARG A 682 -13.81 22.27 -10.13
CA ARG A 682 -14.96 22.20 -9.24
C ARG A 682 -15.67 20.86 -9.35
N ILE A 683 -15.88 20.38 -10.58
CA ILE A 683 -16.59 19.12 -10.74
C ILE A 683 -15.72 17.94 -10.32
N GLY A 684 -14.40 18.06 -10.45
CA GLY A 684 -13.53 16.97 -10.06
C GLY A 684 -13.40 16.83 -8.56
N THR A 685 -13.34 17.94 -7.83
CA THR A 685 -13.40 17.85 -6.38
C THR A 685 -14.77 17.42 -5.89
N ALA A 686 -15.84 17.85 -6.57
CA ALA A 686 -17.18 17.50 -6.10
C ALA A 686 -17.54 16.05 -6.40
N THR A 687 -17.07 15.50 -7.51
CA THR A 687 -17.38 14.12 -7.86
C THR A 687 -16.68 13.14 -6.93
N THR A 688 -15.49 13.48 -6.44
CA THR A 688 -14.68 12.58 -5.63
C THR A 688 -14.59 13.02 -4.17
N GLY A 689 -15.43 13.93 -3.73
CA GLY A 689 -15.35 14.43 -2.37
C GLY A 689 -15.72 13.41 -1.31
N ARG A 690 -16.98 12.96 -1.33
CA ARG A 690 -17.42 11.96 -0.36
C ARG A 690 -16.54 10.71 -0.41
N LEU A 691 -16.13 10.30 -1.60
CA LEU A 691 -15.31 9.11 -1.75
C LEU A 691 -13.97 9.26 -1.06
N ILE A 692 -13.26 10.36 -1.36
CA ILE A 692 -11.97 10.60 -0.71
C ILE A 692 -12.12 10.72 0.80
N THR A 693 -13.18 11.41 1.27
CA THR A 693 -13.30 11.53 2.72
C THR A 693 -13.56 10.17 3.36
N GLY A 694 -14.39 9.33 2.73
CA GLY A 694 -14.63 8.01 3.27
C GLY A 694 -13.38 7.14 3.31
N ALA A 695 -12.64 7.12 2.19
CA ALA A 695 -11.43 6.31 2.13
C ALA A 695 -10.39 6.80 3.14
N ALA A 696 -10.22 8.12 3.22
CA ALA A 696 -9.29 8.68 4.18
C ALA A 696 -9.70 8.33 5.60
N LEU A 697 -11.00 8.46 5.91
CA LEU A 697 -11.48 8.16 7.25
C LEU A 697 -11.23 6.71 7.62
N ILE A 698 -11.40 5.79 6.68
CA ILE A 698 -11.19 4.38 6.99
C ILE A 698 -9.71 4.10 7.29
N LEU A 699 -8.82 4.62 6.44
CA LEU A 699 -7.39 4.45 6.74
C LEU A 699 -7.02 5.15 8.05
N ALA A 700 -7.65 6.29 8.34
CA ALA A 700 -7.35 7.04 9.56
C ALA A 700 -7.79 6.27 10.78
N VAL A 701 -8.94 5.59 10.70
CA VAL A 701 -9.38 4.71 11.77
C VAL A 701 -8.32 3.63 12.02
N VAL A 702 -7.88 2.96 10.96
CA VAL A 702 -6.92 1.86 11.13
C VAL A 702 -5.61 2.37 11.73
N ALA A 703 -5.10 3.51 11.24
CA ALA A 703 -3.84 4.04 11.77
C ALA A 703 -3.98 4.61 13.18
N GLY A 704 -5.15 5.15 13.52
CA GLY A 704 -5.39 5.62 14.87
C GLY A 704 -5.40 4.50 15.88
N ALA A 705 -5.78 3.30 15.45
CA ALA A 705 -5.60 2.15 16.34
C ALA A 705 -4.13 1.97 16.70
N PHE A 706 -3.23 2.16 15.73
CA PHE A 706 -1.80 1.87 15.89
C PHE A 706 -1.00 3.00 16.54
N VAL A 707 -1.52 4.23 16.55
CA VAL A 707 -0.77 5.29 17.24
C VAL A 707 -0.59 4.97 18.72
N PHE A 708 -1.41 4.07 19.28
CA PHE A 708 -1.32 3.73 20.69
C PHE A 708 -0.35 2.57 20.96
N SER A 709 0.56 2.28 20.04
CA SER A 709 1.46 1.14 20.19
C SER A 709 2.49 1.40 21.27
N ASP A 710 2.79 0.36 22.06
CA ASP A 710 3.90 0.49 23.01
C ASP A 710 5.24 0.72 22.32
N LEU A 711 5.33 0.48 21.02
CA LEU A 711 6.57 0.59 20.26
C LEU A 711 6.66 1.97 19.62
N VAL A 712 7.64 2.76 20.03
CA VAL A 712 7.71 4.14 19.54
C VAL A 712 7.90 4.18 18.02
N MET A 713 8.55 3.17 17.43
CA MET A 713 8.67 3.10 15.97
C MET A 713 7.30 3.00 15.31
N MET A 714 6.45 2.13 15.84
CA MET A 714 5.09 1.99 15.34
C MET A 714 4.30 3.26 15.58
N LYS A 715 4.44 3.87 16.76
CA LYS A 715 3.78 5.16 17.02
C LYS A 715 4.17 6.17 15.95
N TYR A 716 5.46 6.27 15.66
CA TYR A 716 5.95 7.27 14.72
C TYR A 716 5.42 7.00 13.31
N LEU A 717 5.38 5.73 12.90
CA LEU A 717 4.86 5.41 11.56
C LEU A 717 3.37 5.68 11.46
N ALA A 718 2.58 5.19 12.42
CA ALA A 718 1.15 5.44 12.41
C ALA A 718 0.85 6.93 12.43
N PHE A 719 1.60 7.69 13.24
CA PHE A 719 1.37 9.13 13.31
C PHE A 719 1.71 9.81 12.00
N GLY A 720 2.83 9.44 11.37
CA GLY A 720 3.15 9.99 10.06
C GLY A 720 2.06 9.72 9.03
N LEU A 721 1.56 8.48 9.00
CA LEU A 721 0.41 8.16 8.16
C LEU A 721 -0.76 9.09 8.43
N LEU A 722 -1.13 9.23 9.71
CA LEU A 722 -2.29 10.03 10.06
C LEU A 722 -2.10 11.50 9.65
N ILE A 723 -0.93 12.06 9.95
CA ILE A 723 -0.69 13.48 9.67
C ILE A 723 -0.74 13.73 8.16
N ALA A 724 -0.05 12.87 7.38
CA ALA A 724 -0.09 13.01 5.93
C ALA A 724 -1.51 12.84 5.40
N LEU A 725 -2.28 11.92 5.98
CA LEU A 725 -3.63 11.69 5.51
C LEU A 725 -4.51 12.92 5.74
N LEU A 726 -4.46 13.50 6.93
CA LEU A 726 -5.26 14.68 7.20
C LEU A 726 -4.75 15.88 6.42
N LEU A 727 -3.45 15.92 6.11
CA LEU A 727 -2.90 17.03 5.34
C LEU A 727 -3.33 16.97 3.87
N ASP A 728 -3.35 15.77 3.30
CA ASP A 728 -3.71 15.65 1.89
C ASP A 728 -5.23 15.60 1.67
N ALA A 729 -5.98 15.04 2.62
CA ALA A 729 -7.43 14.95 2.45
C ALA A 729 -8.15 16.26 2.75
N THR A 730 -7.46 17.24 3.34
CA THR A 730 -8.11 18.51 3.65
C THR A 730 -7.32 19.71 3.14
N ILE A 731 -6.20 20.01 3.81
CA ILE A 731 -5.53 21.28 3.56
C ILE A 731 -4.97 21.37 2.15
N ILE A 732 -4.66 20.24 1.52
CA ILE A 732 -4.10 20.23 0.17
C ILE A 732 -5.16 19.98 -0.88
N ARG A 733 -6.05 19.01 -0.64
CA ARG A 733 -7.11 18.74 -1.63
C ARG A 733 -8.12 19.87 -1.65
N MET A 734 -8.68 20.23 -0.49
CA MET A 734 -9.84 21.11 -0.48
C MET A 734 -9.48 22.56 -0.72
N PHE A 735 -8.27 22.98 -0.33
CA PHE A 735 -7.92 24.41 -0.36
C PHE A 735 -6.75 24.72 -1.28
N LEU A 736 -5.59 24.09 -1.09
CA LEU A 736 -4.40 24.48 -1.84
C LEU A 736 -4.52 24.14 -3.32
N VAL A 737 -4.74 22.87 -3.65
CA VAL A 737 -4.65 22.44 -5.04
C VAL A 737 -5.80 22.96 -5.91
N PRO A 738 -6.91 23.48 -5.37
CA PRO A 738 -7.75 24.34 -6.23
C PRO A 738 -7.10 25.69 -6.48
N ALA A 739 -6.43 26.23 -5.45
CA ALA A 739 -5.85 27.56 -5.52
C ALA A 739 -4.70 27.63 -6.52
N VAL A 740 -3.61 26.93 -6.22
CA VAL A 740 -2.42 26.96 -7.09
C VAL A 740 -2.78 26.52 -8.50
N MET A 741 -3.76 25.63 -8.64
CA MET A 741 -4.11 25.10 -9.95
C MET A 741 -5.06 26.01 -10.74
N LYS A 742 -5.79 26.94 -10.08
CA LYS A 742 -6.53 27.94 -10.86
C LYS A 742 -5.58 29.01 -11.38
N LEU A 743 -4.43 29.19 -10.75
CA LEU A 743 -3.36 29.98 -11.36
C LEU A 743 -3.07 29.54 -12.79
N LEU A 744 -3.49 28.34 -13.17
CA LEU A 744 -3.31 27.85 -14.53
C LEU A 744 -4.46 26.89 -14.85
N GLY A 745 -5.47 27.38 -15.55
CA GLY A 745 -6.54 26.55 -16.04
C GLY A 745 -6.18 25.91 -17.36
N ASP A 746 -6.37 26.66 -18.45
CA ASP A 746 -6.07 26.12 -19.78
C ASP A 746 -4.58 25.90 -19.99
N ASP A 747 -3.74 26.51 -19.16
CA ASP A 747 -2.29 26.34 -19.27
C ASP A 747 -1.80 25.05 -18.62
N CYS A 748 -2.68 24.24 -18.06
CA CYS A 748 -2.20 23.09 -17.32
C CYS A 748 -2.56 21.75 -17.95
N TRP A 749 -3.71 21.61 -18.58
CA TRP A 749 -3.99 20.35 -19.29
C TRP A 749 -3.23 20.32 -20.62
N TRP A 750 -2.41 19.28 -20.76
CA TRP A 750 -1.61 19.07 -21.95
C TRP A 750 -1.09 20.42 -22.37
N ALA A 751 -0.32 21.03 -21.49
CA ALA A 751 0.18 22.38 -21.80
C ALA A 751 1.08 22.39 -23.03
N PRO A 752 2.15 21.59 -23.00
CA PRO A 752 3.11 21.57 -24.11
C PRO A 752 3.48 20.14 -24.51
N ARG A 753 2.61 19.44 -25.20
CA ARG A 753 2.92 18.05 -25.53
C ARG A 753 2.99 17.54 -26.98
N TRP A 754 3.07 18.34 -28.03
CA TRP A 754 3.17 17.67 -29.34
C TRP A 754 2.09 16.58 -29.43
N MET A 755 2.49 15.35 -29.82
CA MET A 755 1.58 14.26 -29.87
C MET A 755 1.55 13.77 -28.47
N LYS A 756 0.36 13.57 -27.92
CA LYS A 756 0.24 13.12 -26.54
C LYS A 756 -0.70 11.93 -26.31
N ARG A 757 -2.00 12.18 -26.32
CA ARG A 757 -2.97 11.12 -26.06
C ARG A 757 -4.08 11.17 -27.12
N VAL A 758 -4.24 10.05 -27.82
CA VAL A 758 -5.23 9.83 -28.87
C VAL A 758 -6.62 9.78 -28.26
N GLN A 759 -7.60 10.35 -28.97
CA GLN A 759 -8.98 10.32 -28.54
C GLN A 759 -9.73 9.30 -29.37
N GLU A 760 -10.41 8.37 -28.70
CA GLU A 760 -11.11 7.31 -29.42
C GLU A 760 -12.22 7.91 -30.23
N LYS A 761 -12.45 7.32 -31.40
CA LYS A 761 -13.57 7.73 -32.24
C LYS A 761 -14.87 7.51 -31.49
N GLU A 762 -15.69 8.55 -31.45
CA GLU A 762 -16.99 8.43 -30.82
C GLU A 762 -17.88 7.53 -31.67
N PHE A 763 -18.66 6.70 -31.01
CA PHE A 763 -19.61 5.84 -31.70
C PHE A 763 -20.66 6.69 -32.41
N ASN A 764 -21.33 6.07 -33.38
CA ASN A 764 -22.29 6.80 -34.18
C ASN A 764 -23.38 5.86 -34.69
N ILE A 765 -24.34 6.44 -35.41
CA ILE A 765 -25.49 5.69 -35.90
C ILE A 765 -25.08 4.72 -37.00
N PHE A 766 -24.02 5.05 -37.74
CA PHE A 766 -23.51 4.17 -38.79
C PHE A 766 -23.00 2.86 -38.19
N GLU A 767 -22.20 2.93 -37.13
CA GLU A 767 -21.73 1.70 -36.49
C GLU A 767 -22.88 0.95 -35.84
N MET A 768 -23.83 1.68 -35.24
CA MET A 768 -25.00 1.04 -34.65
C MET A 768 -25.72 0.18 -35.69
N LEU A 769 -26.03 0.76 -36.81
CA LEU A 769 -26.73 -0.01 -37.78
C LEU A 769 -25.86 -1.01 -38.49
N ARG A 770 -24.58 -0.76 -38.55
CA ARG A 770 -23.71 -1.75 -39.18
C ARG A 770 -23.74 -3.03 -38.37
N ILE A 771 -23.85 -2.90 -37.05
CA ILE A 771 -24.06 -4.06 -36.21
C ILE A 771 -25.44 -4.67 -36.44
N ASP A 772 -26.46 -3.84 -36.57
CA ASP A 772 -27.82 -4.41 -36.56
C ASP A 772 -28.22 -4.98 -37.91
N GLU A 773 -27.80 -4.35 -39.01
CA GLU A 773 -28.21 -4.70 -40.36
C GLU A 773 -27.06 -5.21 -41.22
N GLY A 774 -25.86 -5.34 -40.67
CA GLY A 774 -24.71 -5.78 -41.43
C GLY A 774 -24.17 -4.71 -42.36
N LEU A 775 -22.92 -4.88 -42.80
CA LEU A 775 -22.31 -4.01 -43.80
C LEU A 775 -21.66 -4.89 -44.86
N ARG A 776 -22.23 -4.90 -46.06
CA ARG A 776 -21.80 -5.77 -47.16
C ARG A 776 -21.35 -4.92 -48.34
N LEU A 777 -20.09 -5.07 -48.74
CA LEU A 777 -19.52 -4.30 -49.87
C LEU A 777 -19.77 -4.93 -51.23
N LYS A 778 -20.45 -6.07 -51.31
CA LYS A 778 -20.85 -6.65 -52.57
C LYS A 778 -22.33 -7.00 -52.50
N ILE A 779 -23.01 -6.93 -53.66
CA ILE A 779 -24.43 -7.25 -53.72
C ILE A 779 -24.69 -8.62 -53.13
N TYR A 780 -25.83 -8.74 -52.43
CA TYR A 780 -26.27 -10.00 -51.83
C TYR A 780 -27.79 -10.03 -51.80
N LYS A 781 -28.32 -11.20 -51.49
CA LYS A 781 -29.76 -11.41 -51.35
C LYS A 781 -30.10 -11.55 -49.87
N ASP A 782 -31.10 -10.79 -49.42
CA ASP A 782 -31.50 -10.79 -48.01
C ASP A 782 -32.47 -11.93 -47.77
N THR A 783 -33.02 -12.02 -46.55
CA THR A 783 -33.89 -13.13 -46.19
C THR A 783 -35.08 -13.26 -47.13
N GLU A 784 -35.56 -12.15 -47.67
CA GLU A 784 -36.65 -12.15 -48.63
C GLU A 784 -36.19 -12.44 -50.06
N GLY A 785 -34.88 -12.66 -50.27
CA GLY A 785 -34.36 -12.94 -51.58
C GLY A 785 -34.11 -11.74 -52.46
N TYR A 786 -33.98 -10.55 -51.89
CA TYR A 786 -33.87 -9.32 -52.66
C TYR A 786 -32.43 -8.81 -52.68
N TYR A 787 -32.06 -8.17 -53.78
CA TYR A 787 -30.70 -7.66 -53.97
C TYR A 787 -30.47 -6.44 -53.08
N THR A 788 -29.64 -6.62 -52.06
CA THR A 788 -29.34 -5.62 -51.06
C THR A 788 -27.84 -5.38 -51.07
N ILE A 789 -27.41 -4.24 -50.52
CA ILE A 789 -26.00 -3.90 -50.45
C ILE A 789 -25.80 -2.92 -49.30
N GLY A 790 -24.56 -2.82 -48.84
CA GLY A 790 -24.22 -1.84 -47.82
C GLY A 790 -24.88 -2.18 -46.50
N ILE A 791 -25.53 -1.18 -45.91
CA ILE A 791 -26.28 -1.36 -44.67
C ILE A 791 -27.75 -1.40 -45.06
N GLY A 792 -28.26 -2.62 -45.23
CA GLY A 792 -29.66 -2.90 -45.46
C GLY A 792 -30.30 -2.10 -46.57
N HIS A 793 -29.53 -1.78 -47.61
CA HIS A 793 -30.02 -0.94 -48.69
C HIS A 793 -30.59 -1.79 -49.82
N LEU A 794 -31.91 -1.87 -49.90
CA LEU A 794 -32.54 -2.55 -51.02
C LEU A 794 -32.19 -1.87 -52.33
N LEU A 795 -31.72 -2.65 -53.31
CA LEU A 795 -31.44 -2.13 -54.64
C LEU A 795 -32.62 -2.31 -55.57
N THR A 796 -33.27 -3.47 -55.54
CA THR A 796 -34.46 -3.72 -56.35
C THR A 796 -35.12 -5.01 -55.89
N LYS A 797 -36.40 -5.12 -56.17
CA LYS A 797 -37.10 -6.39 -56.00
C LYS A 797 -37.12 -7.21 -57.29
N SER A 798 -36.29 -6.83 -58.28
CA SER A 798 -36.20 -7.58 -59.52
C SER A 798 -35.42 -8.86 -59.31
N PRO A 799 -35.78 -9.94 -60.01
CA PRO A 799 -34.96 -11.16 -59.96
C PRO A 799 -33.68 -11.03 -60.76
N SER A 800 -33.69 -10.17 -61.78
CA SER A 800 -32.50 -9.92 -62.58
C SER A 800 -31.43 -9.24 -61.74
N LEU A 801 -30.30 -9.93 -61.55
CA LEU A 801 -29.19 -9.34 -60.80
C LEU A 801 -28.66 -8.10 -61.50
N ASN A 802 -28.57 -8.13 -62.82
CA ASN A 802 -27.98 -6.99 -63.50
C ASN A 802 -28.92 -5.78 -63.47
N ALA A 803 -30.21 -5.98 -63.25
CA ALA A 803 -31.06 -4.85 -62.91
C ALA A 803 -30.58 -4.18 -61.62
N ALA A 804 -30.22 -4.99 -60.61
CA ALA A 804 -29.64 -4.44 -59.39
C ALA A 804 -28.31 -3.78 -59.66
N LYS A 805 -27.48 -4.38 -60.51
CA LYS A 805 -26.21 -3.76 -60.88
C LYS A 805 -26.43 -2.41 -61.52
N SER A 806 -27.39 -2.31 -62.44
CA SER A 806 -27.71 -1.03 -63.05
C SER A 806 -28.17 -0.01 -62.02
N GLU A 807 -29.05 -0.42 -61.11
CA GLU A 807 -29.55 0.49 -60.08
C GLU A 807 -28.42 0.95 -59.16
N LEU A 808 -27.51 0.04 -58.82
CA LEU A 808 -26.39 0.39 -57.95
C LEU A 808 -25.41 1.31 -58.67
N ASP A 809 -25.19 1.07 -59.96
CA ASP A 809 -24.35 1.96 -60.76
C ASP A 809 -24.97 3.35 -60.84
N LYS A 810 -26.30 3.41 -60.97
CA LYS A 810 -26.99 4.70 -60.99
C LYS A 810 -26.86 5.40 -59.65
N ALA A 811 -27.03 4.66 -58.55
CA ALA A 811 -26.95 5.24 -57.21
C ALA A 811 -25.54 5.75 -56.91
N ILE A 812 -24.52 5.02 -57.35
CA ILE A 812 -23.15 5.39 -56.97
C ILE A 812 -22.56 6.42 -57.93
N GLY A 813 -23.06 6.46 -59.17
CA GLY A 813 -22.54 7.39 -60.15
C GLY A 813 -21.42 6.85 -61.00
N ARG A 814 -21.09 5.57 -60.86
CA ARG A 814 -20.04 4.90 -61.60
C ARG A 814 -20.54 3.49 -61.89
N ASN A 815 -19.85 2.79 -62.80
CA ASN A 815 -20.09 1.37 -62.94
C ASN A 815 -19.31 0.68 -61.82
N THR A 816 -20.05 0.08 -60.89
CA THR A 816 -19.47 -0.45 -59.66
C THR A 816 -19.00 -1.88 -59.81
N ASN A 817 -19.45 -2.59 -60.84
CA ASN A 817 -19.39 -4.05 -60.90
C ASN A 817 -19.99 -4.69 -59.66
N GLY A 818 -21.05 -4.09 -59.13
CA GLY A 818 -21.74 -4.71 -58.00
C GLY A 818 -20.92 -4.72 -56.73
N VAL A 819 -19.81 -3.98 -56.71
CA VAL A 819 -18.95 -3.88 -55.54
C VAL A 819 -18.78 -2.40 -55.20
N ILE A 820 -18.90 -2.07 -53.93
CA ILE A 820 -18.67 -0.70 -53.46
C ILE A 820 -17.62 -0.74 -52.36
N THR A 821 -17.07 0.43 -52.07
CA THR A 821 -16.19 0.55 -50.93
C THR A 821 -17.00 0.94 -49.69
N LYS A 822 -16.34 0.84 -48.52
CA LYS A 822 -17.06 1.09 -47.28
C LYS A 822 -17.50 2.54 -47.16
N ASP A 823 -16.72 3.49 -47.68
CA ASP A 823 -17.15 4.88 -47.60
C ASP A 823 -18.36 5.14 -48.51
N GLU A 824 -18.45 4.45 -49.65
CA GLU A 824 -19.64 4.54 -50.49
C GLU A 824 -20.85 3.96 -49.80
N ALA A 825 -20.68 2.83 -49.12
CA ALA A 825 -21.77 2.28 -48.32
C ALA A 825 -22.18 3.27 -47.23
N GLU A 826 -21.21 3.95 -46.63
CA GLU A 826 -21.51 4.93 -45.59
C GLU A 826 -22.35 6.08 -46.15
N LYS A 827 -22.01 6.57 -47.34
CA LYS A 827 -22.77 7.66 -47.93
C LYS A 827 -24.17 7.22 -48.33
N LEU A 828 -24.30 6.03 -48.89
CA LEU A 828 -25.61 5.50 -49.20
C LEU A 828 -26.47 5.37 -47.94
N PHE A 829 -25.84 4.96 -46.84
CA PHE A 829 -26.56 4.82 -45.58
C PHE A 829 -26.98 6.18 -45.03
N ASN A 830 -26.09 7.18 -45.11
CA ASN A 830 -26.44 8.52 -44.65
C ASN A 830 -27.62 9.08 -45.45
N GLN A 831 -27.67 8.80 -46.75
CA GLN A 831 -28.85 9.19 -47.51
C GLN A 831 -30.10 8.49 -47.00
N ASP A 832 -29.98 7.20 -46.67
CA ASP A 832 -31.15 6.48 -46.13
C ASP A 832 -31.61 7.07 -44.79
N VAL A 833 -30.66 7.47 -43.93
CA VAL A 833 -31.10 8.03 -42.66
C VAL A 833 -31.68 9.42 -42.86
N ASP A 834 -31.21 10.17 -43.86
CA ASP A 834 -31.82 11.46 -44.15
C ASP A 834 -33.27 11.28 -44.61
N ALA A 835 -33.54 10.26 -45.43
CA ALA A 835 -34.91 9.98 -45.80
C ALA A 835 -35.74 9.57 -44.58
N ALA A 836 -35.16 8.72 -43.73
CA ALA A 836 -35.85 8.30 -42.51
C ALA A 836 -36.22 9.49 -41.64
N VAL A 837 -35.29 10.43 -41.45
CA VAL A 837 -35.54 11.57 -40.57
C VAL A 837 -36.58 12.51 -41.19
N ARG A 838 -36.51 12.73 -42.51
CA ARG A 838 -37.56 13.48 -43.18
C ARG A 838 -38.93 12.89 -42.88
N GLY A 839 -39.05 11.57 -43.05
CA GLY A 839 -40.33 10.93 -42.81
C GLY A 839 -40.77 11.06 -41.37
N ILE A 840 -39.83 10.89 -40.44
CA ILE A 840 -40.16 11.00 -39.02
C ILE A 840 -40.72 12.38 -38.71
N LEU A 841 -40.03 13.44 -39.19
CA LEU A 841 -40.46 14.80 -38.89
C LEU A 841 -41.74 15.20 -39.63
N ARG A 842 -42.12 14.46 -40.67
CA ARG A 842 -43.45 14.69 -41.26
C ARG A 842 -44.56 13.91 -40.59
N ASN A 843 -44.25 12.97 -39.70
CA ASN A 843 -45.26 12.13 -39.06
C ASN A 843 -45.65 12.73 -37.70
N ALA A 844 -46.94 13.04 -37.53
CA ALA A 844 -47.39 13.72 -36.33
C ALA A 844 -47.25 12.87 -35.07
N LYS A 845 -47.20 11.54 -35.21
CA LYS A 845 -47.06 10.69 -34.03
C LYS A 845 -45.60 10.54 -33.59
N LEU A 846 -44.65 10.74 -34.51
CA LEU A 846 -43.24 10.56 -34.23
C LEU A 846 -42.48 11.86 -34.01
N LYS A 847 -42.87 12.93 -34.69
CA LYS A 847 -42.11 14.17 -34.56
C LYS A 847 -42.01 14.67 -33.13
N PRO A 848 -43.05 14.64 -32.29
CA PRO A 848 -42.86 15.08 -30.91
C PRO A 848 -41.85 14.21 -30.15
N VAL A 849 -42.02 12.89 -30.17
CA VAL A 849 -41.09 12.04 -29.41
C VAL A 849 -39.68 12.19 -29.97
N TYR A 850 -39.55 12.27 -31.29
CA TYR A 850 -38.22 12.43 -31.89
C TYR A 850 -37.57 13.75 -31.47
N ASP A 851 -38.33 14.85 -31.49
CA ASP A 851 -37.77 16.15 -31.19
C ASP A 851 -37.29 16.27 -29.76
N SER A 852 -37.85 15.47 -28.85
CA SER A 852 -37.54 15.55 -27.43
C SER A 852 -36.38 14.66 -27.02
N LEU A 853 -35.69 14.04 -27.99
CA LEU A 853 -34.68 13.06 -27.69
C LEU A 853 -33.28 13.58 -28.03
N ASP A 854 -32.30 13.10 -27.28
CA ASP A 854 -30.91 13.35 -27.59
C ASP A 854 -30.48 12.54 -28.81
N ALA A 855 -29.23 12.75 -29.23
CA ALA A 855 -28.75 12.18 -30.49
C ALA A 855 -28.73 10.66 -30.45
N VAL A 856 -28.28 10.07 -29.33
CA VAL A 856 -28.18 8.63 -29.24
C VAL A 856 -29.57 7.99 -29.30
N ARG A 857 -30.49 8.45 -28.44
CA ARG A 857 -31.84 7.88 -28.47
C ARG A 857 -32.54 8.18 -29.79
N ARG A 858 -32.24 9.33 -30.41
CA ARG A 858 -32.75 9.57 -31.76
C ARG A 858 -32.27 8.47 -32.70
N ALA A 859 -31.00 8.07 -32.58
CA ALA A 859 -30.47 6.99 -33.41
C ALA A 859 -31.18 5.67 -33.13
N ALA A 860 -31.52 5.41 -31.87
CA ALA A 860 -32.34 4.23 -31.55
C ALA A 860 -33.72 4.30 -32.21
N LEU A 861 -34.36 5.47 -32.21
CA LEU A 861 -35.68 5.59 -32.83
C LEU A 861 -35.59 5.41 -34.34
N ILE A 862 -34.53 5.97 -34.95
CA ILE A 862 -34.31 5.79 -36.37
C ILE A 862 -34.06 4.32 -36.69
N ASN A 863 -33.32 3.63 -35.82
CA ASN A 863 -33.13 2.18 -35.94
C ASN A 863 -34.46 1.47 -36.03
N MET A 864 -35.35 1.75 -35.07
CA MET A 864 -36.69 1.17 -35.10
C MET A 864 -37.38 1.46 -36.43
N VAL A 865 -37.28 2.71 -36.90
CA VAL A 865 -37.93 3.07 -38.15
C VAL A 865 -37.38 2.25 -39.30
N PHE A 866 -36.05 2.15 -39.41
CA PHE A 866 -35.44 1.32 -40.45
C PHE A 866 -35.98 -0.11 -40.41
N GLN A 867 -36.05 -0.68 -39.21
CA GLN A 867 -36.46 -2.08 -39.11
C GLN A 867 -37.92 -2.28 -39.47
N MET A 868 -38.81 -1.34 -39.13
CA MET A 868 -40.24 -1.67 -39.23
C MET A 868 -41.16 -0.63 -39.86
N GLY A 869 -40.66 0.52 -40.30
CA GLY A 869 -41.54 1.51 -40.88
C GLY A 869 -42.02 2.54 -39.88
N GLU A 870 -42.28 3.75 -40.39
CA GLU A 870 -42.86 4.80 -39.56
C GLU A 870 -44.14 4.32 -38.90
N THR A 871 -45.06 3.74 -39.68
CA THR A 871 -46.30 3.20 -39.13
C THR A 871 -46.02 2.19 -38.01
N GLY A 872 -45.09 1.26 -38.26
CA GLY A 872 -44.75 0.28 -37.22
C GLY A 872 -44.37 0.93 -35.92
N VAL A 873 -43.40 1.85 -35.97
CA VAL A 873 -42.96 2.54 -34.76
C VAL A 873 -44.09 3.38 -34.16
N ALA A 874 -44.96 3.91 -35.01
CA ALA A 874 -46.05 4.76 -34.55
C ALA A 874 -47.10 3.97 -33.79
N GLY A 875 -47.18 2.66 -34.00
CA GLY A 875 -48.09 1.87 -33.18
C GLY A 875 -47.72 1.81 -31.70
N PHE A 876 -46.55 2.31 -31.31
CA PHE A 876 -46.07 2.25 -29.92
C PHE A 876 -46.43 3.50 -29.12
N THR A 877 -47.71 3.88 -29.16
CA THR A 877 -48.14 5.17 -28.61
C THR A 877 -47.73 5.33 -27.16
N ASN A 878 -48.05 4.33 -26.32
CA ASN A 878 -47.71 4.41 -24.91
C ASN A 878 -46.21 4.54 -24.71
N SER A 879 -45.46 3.64 -25.34
CA SER A 879 -44.01 3.63 -25.23
C SER A 879 -43.42 4.95 -25.70
N LEU A 880 -43.86 5.41 -26.86
CA LEU A 880 -43.37 6.66 -27.41
C LEU A 880 -43.64 7.81 -26.46
N ARG A 881 -44.82 7.82 -25.84
CA ARG A 881 -45.14 8.91 -24.92
C ARG A 881 -44.29 8.83 -23.66
N MET A 882 -44.02 7.63 -23.16
CA MET A 882 -43.12 7.47 -22.02
C MET A 882 -41.72 7.98 -22.38
N LEU A 883 -41.27 7.71 -23.61
CA LEU A 883 -39.99 8.22 -24.06
C LEU A 883 -39.99 9.75 -24.14
N GLN A 884 -41.10 10.33 -24.62
CA GLN A 884 -41.19 11.79 -24.70
C GLN A 884 -41.12 12.43 -23.32
N GLN A 885 -41.60 11.73 -22.30
CA GLN A 885 -41.58 12.19 -20.93
C GLN A 885 -40.33 11.72 -20.19
N LYS A 886 -39.35 11.17 -20.92
CA LYS A 886 -38.07 10.74 -20.34
C LYS A 886 -38.23 9.67 -19.29
N ARG A 887 -39.30 8.89 -19.40
CA ARG A 887 -39.52 7.77 -18.48
C ARG A 887 -38.83 6.61 -19.17
N TRP A 888 -37.51 6.55 -19.05
CA TRP A 888 -36.72 5.54 -19.74
C TRP A 888 -37.03 4.16 -19.21
N ASP A 889 -37.11 4.01 -17.88
CA ASP A 889 -37.37 2.68 -17.32
C ASP A 889 -38.74 2.16 -17.76
N GLU A 890 -39.78 2.97 -17.59
CA GLU A 890 -41.13 2.56 -18.01
C GLU A 890 -41.20 2.21 -19.49
N ALA A 891 -40.57 3.03 -20.33
CA ALA A 891 -40.62 2.77 -21.77
C ALA A 891 -39.91 1.49 -22.13
N ALA A 892 -38.75 1.24 -21.49
CA ALA A 892 -38.00 0.03 -21.75
C ALA A 892 -38.80 -1.21 -21.34
N VAL A 893 -39.42 -1.14 -20.15
CA VAL A 893 -40.22 -2.26 -19.70
C VAL A 893 -41.40 -2.49 -20.64
N ASN A 894 -42.00 -1.42 -21.16
CA ASN A 894 -43.17 -1.59 -22.01
C ASN A 894 -42.79 -2.14 -23.37
N LEU A 895 -41.71 -1.61 -23.96
CA LEU A 895 -41.25 -2.09 -25.25
C LEU A 895 -40.80 -3.55 -25.19
N ALA A 896 -40.27 -4.00 -24.04
CA ALA A 896 -39.88 -5.40 -23.95
C ALA A 896 -41.08 -6.36 -24.07
N LYS A 897 -42.30 -5.86 -23.88
CA LYS A 897 -43.51 -6.68 -23.97
C LYS A 897 -44.07 -6.79 -25.39
N SER A 898 -43.37 -6.27 -26.39
CA SER A 898 -43.91 -6.22 -27.73
C SER A 898 -43.66 -7.52 -28.50
N ARG A 899 -44.38 -7.64 -29.63
CA ARG A 899 -44.11 -8.70 -30.59
C ARG A 899 -42.80 -8.45 -31.33
N TRP A 900 -42.43 -7.18 -31.48
CA TRP A 900 -41.13 -6.81 -32.03
C TRP A 900 -40.01 -7.45 -31.24
N TYR A 901 -40.03 -7.29 -29.91
CA TYR A 901 -39.04 -7.95 -29.06
C TYR A 901 -39.14 -9.46 -29.17
N ASN A 902 -40.33 -9.99 -29.40
CA ASN A 902 -40.50 -11.44 -29.43
C ASN A 902 -39.90 -12.04 -30.69
N GLN A 903 -39.99 -11.32 -31.82
CA GLN A 903 -39.52 -11.85 -33.10
C GLN A 903 -38.04 -11.56 -33.35
N THR A 904 -37.52 -10.46 -32.83
CA THR A 904 -36.12 -10.09 -32.96
C THR A 904 -35.60 -9.64 -31.60
N PRO A 905 -35.40 -10.58 -30.68
CA PRO A 905 -35.08 -10.16 -29.31
C PRO A 905 -33.74 -9.49 -29.15
N ASN A 906 -32.70 -9.93 -29.87
CA ASN A 906 -31.37 -9.37 -29.65
C ASN A 906 -31.29 -7.92 -30.11
N ARG A 907 -31.73 -7.64 -31.34
CA ARG A 907 -31.78 -6.26 -31.82
C ARG A 907 -32.69 -5.40 -30.95
N ALA A 908 -33.88 -5.89 -30.61
CA ALA A 908 -34.81 -5.09 -29.82
C ALA A 908 -34.23 -4.81 -28.44
N LYS A 909 -33.55 -5.77 -27.84
CA LYS A 909 -32.96 -5.53 -26.52
C LYS A 909 -31.83 -4.52 -26.60
N ARG A 910 -31.06 -4.54 -27.68
CA ARG A 910 -30.04 -3.51 -27.87
C ARG A 910 -30.67 -2.12 -27.98
N VAL A 911 -31.74 -2.01 -28.77
CA VAL A 911 -32.39 -0.72 -28.95
C VAL A 911 -33.06 -0.26 -27.66
N ILE A 912 -33.65 -1.20 -26.92
CA ILE A 912 -34.34 -0.85 -25.70
C ILE A 912 -33.36 -0.37 -24.65
N THR A 913 -32.20 -1.05 -24.53
CA THR A 913 -31.27 -0.58 -23.52
C THR A 913 -30.60 0.71 -23.96
N THR A 914 -30.54 0.97 -25.28
CA THR A 914 -30.11 2.29 -25.71
C THR A 914 -31.11 3.37 -25.30
N PHE A 915 -32.40 3.06 -25.37
CA PHE A 915 -33.41 4.01 -24.87
C PHE A 915 -33.26 4.21 -23.37
N ARG A 916 -32.95 3.14 -22.64
CA ARG A 916 -32.76 3.24 -21.20
C ARG A 916 -31.59 4.16 -20.87
N THR A 917 -30.38 3.77 -21.26
CA THR A 917 -29.17 4.44 -20.79
C THR A 917 -28.82 5.70 -21.57
N GLY A 918 -29.32 5.85 -22.79
CA GLY A 918 -28.91 6.98 -23.58
C GLY A 918 -27.48 6.93 -24.08
N THR A 919 -26.84 5.75 -24.03
CA THR A 919 -25.46 5.58 -24.48
C THR A 919 -25.36 4.45 -25.49
N TRP A 920 -24.17 4.28 -26.05
CA TRP A 920 -23.92 3.26 -27.08
C TRP A 920 -23.39 1.94 -26.50
N ASP A 921 -23.52 1.73 -25.19
CA ASP A 921 -22.81 0.64 -24.54
C ASP A 921 -23.32 -0.73 -25.01
N ALA A 922 -24.61 -0.84 -25.30
CA ALA A 922 -25.17 -2.09 -25.80
C ALA A 922 -24.59 -2.50 -27.17
N TYR A 923 -24.06 -1.55 -27.94
CA TYR A 923 -23.47 -1.87 -29.23
C TYR A 923 -21.96 -2.01 -29.17
N GLU A 924 -21.29 -1.27 -28.28
CA GLU A 924 -19.85 -1.38 -28.12
C GLU A 924 -19.43 -2.71 -27.52
N PHE A 925 -20.37 -3.53 -27.03
CA PHE A 925 -20.10 -4.86 -26.45
C PHE A 925 -21.39 -5.66 -26.62
N HIS A 926 -21.55 -6.26 -27.80
CA HIS A 926 -22.77 -6.98 -28.17
C HIS A 926 -22.49 -8.47 -28.34
N LEU A 927 -23.56 -9.22 -28.55
CA LEU A 927 -23.53 -10.67 -28.62
C LEU A 927 -23.29 -11.11 -30.06
N GLY A 928 -22.21 -11.84 -30.28
CA GLY A 928 -21.93 -12.47 -31.57
C GLY A 928 -22.06 -11.59 -32.80
N GLY A 929 -22.50 -12.19 -33.91
CA GLY A 929 -22.80 -11.44 -35.11
C GLY A 929 -24.15 -11.85 -35.65
N ILE A 930 -24.69 -11.01 -36.54
CA ILE A 930 -25.98 -11.29 -37.14
C ILE A 930 -25.81 -12.28 -38.28
N LYS A 931 -26.88 -13.02 -38.55
CA LYS A 931 -26.91 -14.01 -39.62
C LYS A 931 -27.98 -13.73 -40.67
N ALA A 932 -29.11 -13.15 -40.29
CA ALA A 932 -30.22 -12.89 -41.20
C ALA A 932 -30.25 -11.39 -41.49
N PHE A 933 -29.85 -11.03 -42.71
CA PHE A 933 -29.84 -9.64 -43.16
C PHE A 933 -31.18 -9.34 -43.81
N HIS A 934 -31.82 -8.25 -43.39
CA HIS A 934 -33.08 -7.83 -43.99
C HIS A 934 -33.00 -6.35 -44.34
N HIS A 935 -33.23 -6.04 -45.61
CA HIS A 935 -33.21 -4.66 -46.05
C HIS A 935 -34.20 -3.83 -45.23
N HIS A 936 -33.84 -2.59 -44.95
CA HIS A 936 -34.68 -1.74 -44.12
C HIS A 936 -35.69 -0.95 -44.96
N HIS A 937 -36.66 -0.36 -44.27
CA HIS A 937 -37.55 0.62 -44.88
C HIS A 937 -36.79 1.91 -45.15
N HIS A 938 -37.39 2.78 -45.96
CA HIS A 938 -36.84 4.09 -46.28
C HIS A 938 -35.53 3.96 -47.06
N HIS A 939 -35.51 3.02 -48.01
CA HIS A 939 -34.42 2.94 -48.96
C HIS A 939 -34.56 4.08 -49.97
N HIS A 940 -33.56 4.95 -50.05
CA HIS A 940 -33.61 6.14 -50.87
C HIS A 940 -32.92 5.91 -52.21
N HIS A 941 -33.42 6.59 -53.25
CA HIS A 941 -32.85 6.50 -54.60
C HIS A 941 -32.74 7.89 -55.23
N1 MHA B . -31.80 -10.67 -35.99
C1 MHA B . -32.82 -10.19 -35.09
C2 MHA B . -32.54 -10.41 -33.60
O1 MHA B . -32.87 -11.50 -33.02
O2 MHA B . -32.03 -9.50 -32.92
C3 MHA B . -31.94 -9.98 -37.26
C4 MHA B . -32.14 -8.47 -37.10
O3 MHA B . -33.25 -7.96 -37.38
O4 MHA B . -31.19 -7.73 -36.73
C5 MHA B . -30.47 -10.47 -35.50
C6 MHA B . -29.61 -11.69 -35.82
O5 MHA B . -28.98 -12.24 -34.92
N2 MHA B . -29.52 -12.21 -37.15
N1 MHA C . -48.85 -0.36 -26.69
C1 MHA C . -48.72 -1.33 -25.62
C2 MHA C . -49.43 -0.92 -24.33
O1 MHA C . -50.47 -1.55 -23.97
O2 MHA C . -48.99 0.00 -23.61
C3 MHA C . -50.19 0.20 -26.66
C4 MHA C . -50.36 1.33 -27.66
O3 MHA C . -50.45 1.06 -28.87
O4 MHA C . -50.40 2.52 -27.29
C5 MHA C . -47.89 0.70 -26.54
C6 MHA C . -46.45 0.22 -26.67
O5 MHA C . -46.20 -0.77 -27.34
N2 MHA C . -45.40 0.92 -26.01
C1 L6T D . 26.37 -8.92 17.93
C2 L6T D . 27.51 -9.47 18.67
C3 L6T D . 27.07 -10.58 19.46
C4 L6T D . 26.17 -10.12 20.47
C5 L6T D . 25.01 -9.52 19.78
C6 L6T D . 24.15 -8.94 20.83
CAA L6T D . 24.65 -9.56 16.57
CAO L6T D . 25.90 -9.49 14.48
CAP L6T D . 26.18 -8.73 13.37
CAR L6T D . 25.14 -10.68 14.03
CAT L6T D . 24.92 -11.45 15.22
CAV L6T D . 24.06 -10.76 16.10
CAX L6T D . 21.87 -9.00 20.39
CAY L6T D . 20.79 -8.25 19.61
CAZ L6T D . 19.40 -8.23 20.31
CBA L6T D . 18.60 -7.02 19.86
CBB L6T D . 17.50 -6.60 20.85
CBC L6T D . 16.52 -5.59 20.25
CBD L6T D . 15.73 -6.15 19.06
CBE L6T D . 14.20 -6.02 19.25
CBF L6T D . 13.49 -5.42 18.03
CBG L6T D . 12.14 -6.10 17.75
CBH L6T D . 11.17 -5.23 16.90
CBI L6T D . 9.96 -5.97 16.43
O1 L6T D . 25.86 -9.95 17.19
O2 L6T D . 28.44 -9.99 17.72
O3 L6T D . 28.22 -11.07 20.15
O4 L6T D . 25.68 -11.27 21.14
O5 L6T D . 25.39 -8.47 18.88
O6 L6T D . 23.09 -8.32 20.15
OAN L6T D . 25.00 -8.76 15.44
OAQ L6T D . 24.97 -8.37 12.80
OAS L6T D . 26.02 -11.44 13.23
OAU L6T D . 24.26 -12.65 14.77
OAW L6T D . 23.86 -11.67 17.19
C1 L6T E . -5.01 1.86 27.12
C2 L6T E . -5.60 0.50 26.97
C3 L6T E . -4.88 -0.17 25.91
C4 L6T E . -5.43 0.34 24.67
C5 L6T E . -5.43 1.84 24.65
C6 L6T E . -6.78 2.26 24.15
CAA L6T E . -2.76 2.63 27.46
CAO L6T E . -2.18 4.82 26.86
CAP L6T E . -1.23 4.23 26.02
CAR L6T E . -1.54 4.93 28.23
CAT L6T E . -1.01 3.66 28.75
CAV L6T E . -2.00 2.63 28.70
CAX L6T E . -7.49 3.75 22.41
CAY L6T E . -8.05 2.44 21.84
CAZ L6T E . -8.43 2.60 20.35
CBA L6T E . -8.11 3.99 19.86
CBB L6T E . -8.00 4.07 18.32
CBC L6T E . -9.35 4.19 17.62
CBD L6T E . -9.28 5.03 16.33
CBE L6T E . -8.68 6.44 16.54
CBF L6T E . -8.76 7.33 15.29
CBG L6T E . -10.19 7.63 14.85
CBH L6T E . -10.24 8.54 13.58
CBI L6T E . -9.10 9.50 13.55
O1 L6T E . -3.71 1.57 27.49
O2 L6T E . -5.45 -0.25 28.17
O3 L6T E . -5.17 -1.58 25.93
O4 L6T E . -4.53 -0.09 23.68
O5 L6T E . -5.07 2.59 25.85
O6 L6T E . -6.55 3.47 23.44
OAN L6T E . -3.35 3.91 27.16
OAQ L6T E . -1.85 3.41 25.05
OAS L6T E . -2.53 5.44 29.12
OAU L6T E . 0.21 3.25 28.07
OAW L6T E . -2.96 3.01 29.74
C1 L6T F . 33.12 -14.25 34.49
C2 L6T F . 34.29 -13.33 34.42
C3 L6T F . 34.17 -12.14 35.28
C4 L6T F . 32.84 -11.93 35.88
C5 L6T F . 31.63 -12.35 35.10
C6 L6T F . 31.11 -11.12 34.43
CAA L6T F . 34.04 -15.35 36.46
CAO L6T F . 35.14 -15.25 38.64
CAP L6T F . 36.29 -15.47 37.84
CAR L6T F . 34.52 -16.58 39.09
CAT L6T F . 34.07 -17.41 37.95
CAV L6T F . 34.03 -16.82 36.60
CAX L6T F . 29.17 -9.77 34.45
CAY L6T F . 28.63 -9.48 33.04
CAZ L6T F . 27.28 -8.75 33.07
CBA L6T F . 27.02 -7.85 31.90
CBB L6T F . 25.55 -7.41 31.88
CBC L6T F . 25.21 -6.30 30.90
CBD L6T F . 23.69 -6.12 30.84
CBE L6T F . 23.22 -4.97 29.90
CBF L6T F . 22.02 -5.36 29.03
CBG L6T F . 21.70 -4.31 27.99
CBH L6T F . 20.43 -4.62 27.19
CBI L6T F . 20.10 -3.55 26.21
O1 L6T F . 32.90 -14.81 35.76
O2 L6T F . 35.53 -14.06 34.61
O3 L6T F . 34.43 -10.96 34.48
O4 L6T F . 32.71 -12.64 37.11
O5 L6T F . 31.93 -13.44 34.15
O6 L6T F . 29.68 -11.09 34.51
OAN L6T F . 34.03 -14.71 37.76
OAQ L6T F . 36.53 -14.34 37.01
OAS L6T F . 33.38 -16.27 39.91
OAU L6T F . 34.82 -18.67 37.92
OAW L6T F . 32.88 -17.43 35.93
C1 L6T G . 20.24 -14.57 0.38
C2 L6T G . 19.30 -14.17 1.51
C3 L6T G . 19.11 -12.72 1.70
C4 L6T G . 19.65 -11.97 0.56
C5 L6T G . 19.17 -12.69 -0.67
C6 L6T G . 19.04 -11.81 -1.88
CAA L6T G . 20.89 -16.38 -0.95
CAO L6T G . 23.13 -16.60 -2.04
CAP L6T G . 23.50 -15.32 -2.54
CAR L6T G . 22.21 -17.37 -3.02
CAT L6T G . 21.31 -18.31 -2.34
CAV L6T G . 20.29 -17.57 -1.57
CAX L6T G . 16.65 -12.06 -2.15
CAY L6T G . 16.42 -13.21 -1.14
CAZ L6T G . 16.03 -14.54 -1.83
CBA L6T G . 14.57 -14.50 -2.23
CBB L6T G . 13.99 -13.06 -2.16
CBC L6T G . 12.47 -13.04 -1.92
CBD L6T G . 11.75 -11.88 -2.63
CBE L6T G . 10.20 -12.04 -2.52
CBF L6T G . 9.42 -10.81 -2.99
CBG L6T G . 7.92 -11.06 -2.93
CBH L6T G . 7.06 -9.78 -3.14
CBI L6T G . 5.63 -10.08 -3.42
O1 L6T G . 20.19 -15.97 0.25
O2 L6T G . 18.04 -14.81 1.22
O3 L6T G . 19.75 -12.26 2.93
O4 L6T G . 19.16 -10.61 0.53
O5 L6T G . 19.87 -13.94 -0.92
O6 L6T G . 17.73 -11.23 -1.72
OAN L6T G . 22.33 -16.48 -0.72
OAQ L6T G . 23.52 -15.27 -3.95
OAS L6T G . 23.02 -18.05 -3.99
OAU L6T G . 20.73 -19.20 -3.34
OAW L6T G . 19.62 -18.40 -0.55
C1 L6T H . -4.86 4.64 -15.94
C2 L6T H . -5.12 4.84 -17.39
C3 L6T H . -3.89 4.55 -18.08
C4 L6T H . -3.53 3.14 -17.90
C5 L6T H . -4.11 2.42 -16.70
C6 L6T H . -3.02 1.68 -16.00
CAA L6T H . -6.65 6.13 -15.69
CAO L6T H . -8.38 4.45 -15.73
CAP L6T H . -9.49 3.97 -16.43
CAR L6T H . -8.75 5.15 -14.44
CAT L6T H . -8.65 6.61 -14.44
CAV L6T H . -7.29 6.99 -14.69
CAX L6T H . -2.30 -0.50 -15.42
CAY L6T H . -1.17 -0.32 -16.46
CAZ L6T H . 0.25 -0.32 -15.85
CBA L6T H . 1.04 0.94 -16.14
CBB L6T H . 2.56 0.80 -15.89
CBC L6T H . 2.99 -0.67 -15.68
CBD L6T H . 4.18 -0.81 -14.70
CBE L6T H . 4.38 -2.26 -14.15
CBF L6T H . 4.25 -2.40 -12.61
CBG L6T H . 5.60 -2.29 -11.87
CBH L6T H . 5.65 -1.10 -10.84
CBI L6T H . 7.05 -0.65 -10.57
O1 L6T H . -5.88 5.07 -15.10
O2 L6T H . -6.09 3.86 -17.84
O3 L6T H . -2.91 5.45 -17.51
O4 L6T H . -4.04 2.46 -19.05
O5 L6T H . -4.74 3.21 -15.68
O6 L6T H . -3.38 0.31 -15.82
OAN L6T H . -7.61 5.45 -16.54
OAQ L6T H . -10.59 4.83 -16.30
OAS L6T H . -7.81 4.71 -13.48
OAU L6T H . -9.41 6.99 -15.61
OAW L6T H . -6.60 6.95 -13.41
C02 J9E I . -4.27 5.40 -0.09
C04 J9E I . -6.04 5.90 -1.67
C05 J9E I . -6.14 6.69 -2.95
C06 J9E I . -7.60 6.85 -3.23
C07 J9E I . -8.06 5.52 -3.75
C08 J9E I . -7.63 5.40 -5.19
C09 J9E I . -8.53 4.39 -5.86
C10 J9E I . -9.98 4.80 -5.71
C11 J9E I . -10.37 5.03 -4.26
C12 J9E I . -9.46 6.07 -3.65
C13 J9E I . -7.69 4.36 -2.87
C14 J9E I . -6.95 4.70 -1.59
C15 J9E I . -2.85 5.05 0.27
C16 J9E I . -1.75 5.14 -0.54
C17 J9E I . -0.64 4.72 0.21
C18 J9E I . 0.73 4.56 -0.06
C20 J9E I . 1.58 4.12 0.91
C21 J9E I . 1.06 3.83 2.15
C23 J9E I . -0.27 3.96 2.44
C24 J9E I . -1.13 4.42 1.42
F19 J9E I . 1.27 4.85 -1.24
F22 J9E I . 1.90 3.38 3.10
N03 J9E I . -4.66 5.50 -1.47
N25 J9E I . -2.45 4.63 1.45
O01 J9E I . -5.05 5.61 0.75
#